data_4MMD
#
_entry.id   4MMD
#
_cell.length_a   84.409
_cell.length_b   92.207
_cell.length_c   88.308
_cell.angle_alpha   90.00
_cell.angle_beta   94.09
_cell.angle_gamma   90.00
#
_symmetry.space_group_name_H-M   'P 1 21 1'
#
loop_
_entity.id
_entity.type
_entity.pdbx_description
1 polymer Transporter
2 non-polymer 'SODIUM ION'
3 non-polymer (3S)-N-methyl-3-(naphthalen-1-yloxy)-3-(thiophen-2-yl)propan-1-amine
4 non-polymer 'octyl beta-D-glucopyranoside'
5 water water
#
_entity_poly.entity_id   1
_entity_poly.type   'polypeptide(L)'
_entity_poly.pdbx_seq_one_letter_code
;MEVKREHWATRLGLILAMAGYAVDLGNFLRFPVQAAENGGGAFMIPYIIAFLLVGIPLMWIEWAMGRYGGAQGHGTTPAI
FYLLWRNRFAKILGVFGLWIPLVVAIYYVYIESWTLGFAIKFLVGLVPEPPPNATDPDSILRPFKEFLYSYIGVPKGDEP
ILKPSLFAYIVFLITMFINVSILIRGISKGIERFAKIAMPTLFILAVFLVIRVFLLETPNGTAADGLNFLWTPDFEKLKD
PGVWIAAVGQIFFSLGLGFGAIITFASYVRKDQDIVLSGLTAATLNEKAEVILGGSISIPAAVAFFGVANAVAIAKAGAF
NLGFITLPAIFSQTAGGTFLGFLWFFLLFFAGLTSSIAGMQPMIAFLEDELKLSRKHAVLWTAAIVFFSAHLVMFLNKSL
DEMDFWAGTIGVVFFGLTELIIFFWIFGADKAWEEINRGGIIKVPRIYYYVMRYITPAFLAVLLVVWAREYIPKIMEETH
WTVWITRFYIIGLFLFLTFLVFLAERRRNHESAGTLVPR
;
_entity_poly.pdbx_strand_id   A,B
#
loop_
_chem_comp.id
_chem_comp.type
_chem_comp.name
_chem_comp.formula
29E non-polymer (3S)-N-methyl-3-(naphthalen-1-yloxy)-3-(thiophen-2-yl)propan-1-amine 'C18 H19 N O S'
BOG D-saccharide 'octyl beta-D-glucopyranoside' 'C14 H28 O6'
NA non-polymer 'SODIUM ION' 'Na 1'
#
# COMPACT_ATOMS: atom_id res chain seq x y z
N ARG A 5 14.94 5.57 29.04
CA ARG A 5 14.31 4.39 28.45
C ARG A 5 13.54 3.59 29.50
N GLU A 6 12.38 3.07 29.10
CA GLU A 6 11.57 2.19 29.94
C GLU A 6 12.36 0.95 30.31
N HIS A 7 12.02 0.34 31.44
CA HIS A 7 12.66 -0.91 31.86
C HIS A 7 11.61 -1.84 32.43
N TRP A 8 11.89 -3.14 32.36
CA TRP A 8 11.08 -4.12 33.06
C TRP A 8 11.24 -3.86 34.56
N ALA A 9 10.12 -3.79 35.28
CA ALA A 9 10.17 -3.46 36.69
C ALA A 9 10.76 -4.62 37.49
N THR A 10 10.27 -5.82 37.25
CA THR A 10 10.69 -6.99 38.00
C THR A 10 11.21 -8.11 37.11
N ARG A 11 12.05 -8.96 37.68
CA ARG A 11 12.58 -10.12 37.00
C ARG A 11 11.47 -11.09 36.60
N LEU A 12 10.49 -11.26 37.48
CA LEU A 12 9.37 -12.15 37.22
C LEU A 12 8.54 -11.69 36.03
N GLY A 13 8.24 -10.40 35.98
CA GLY A 13 7.48 -9.83 34.88
C GLY A 13 8.17 -9.99 33.54
N LEU A 14 9.48 -9.77 33.53
CA LEU A 14 10.30 -9.94 32.34
C LEU A 14 10.19 -11.35 31.77
N ILE A 15 10.34 -12.34 32.64
CA ILE A 15 10.32 -13.73 32.23
C ILE A 15 8.92 -14.16 31.77
N LEU A 16 7.89 -13.68 32.45
CA LEU A 16 6.51 -14.02 32.10
C LEU A 16 6.08 -13.35 30.80
N ALA A 17 6.62 -12.16 30.55
CA ALA A 17 6.34 -11.44 29.30
C ALA A 17 6.97 -12.17 28.13
N MET A 18 8.22 -12.57 28.29
CA MET A 18 8.93 -13.32 27.27
C MET A 18 8.31 -14.68 27.01
N ALA A 19 7.97 -15.39 28.09
CA ALA A 19 7.32 -16.69 27.96
C ALA A 19 5.94 -16.52 27.33
N GLY A 20 5.26 -15.44 27.69
CA GLY A 20 3.96 -15.14 27.13
C GLY A 20 4.02 -14.94 25.63
N TYR A 21 5.11 -14.34 25.16
CA TYR A 21 5.33 -14.20 23.72
C TYR A 21 5.46 -15.56 23.06
N ALA A 22 6.29 -16.42 23.64
CA ALA A 22 6.57 -17.73 23.07
C ALA A 22 5.37 -18.68 23.11
N VAL A 23 4.63 -18.65 24.21
CA VAL A 23 3.47 -19.53 24.37
C VAL A 23 2.31 -19.01 23.56
N ASP A 24 1.95 -19.73 22.51
CA ASP A 24 0.90 -19.27 21.60
C ASP A 24 0.00 -20.42 21.21
N LEU A 25 -0.81 -20.21 20.16
CA LEU A 25 -1.70 -21.26 19.67
C LEU A 25 -0.93 -22.51 19.26
N GLY A 26 0.29 -22.32 18.76
CA GLY A 26 1.13 -23.43 18.33
C GLY A 26 1.42 -24.44 19.43
N ASN A 27 1.63 -23.94 20.64
CA ASN A 27 1.90 -24.79 21.79
C ASN A 27 0.82 -25.85 22.04
N PHE A 28 -0.44 -25.46 21.83
CA PHE A 28 -1.56 -26.32 22.14
C PHE A 28 -2.12 -27.07 20.94
N LEU A 29 -1.67 -26.70 19.74
CA LEU A 29 -2.21 -27.28 18.52
C LEU A 29 -1.14 -27.80 17.56
N ARG A 30 -0.16 -26.95 17.25
CA ARG A 30 0.85 -27.31 16.26
C ARG A 30 1.78 -28.41 16.77
N PHE A 31 2.40 -28.19 17.92
CA PHE A 31 3.33 -29.15 18.50
C PHE A 31 2.78 -30.57 18.68
N PRO A 32 1.55 -30.72 19.22
CA PRO A 32 1.08 -32.10 19.37
C PRO A 32 0.92 -32.82 18.04
N VAL A 33 0.46 -32.11 17.02
CA VAL A 33 0.28 -32.69 15.69
C VAL A 33 1.63 -33.07 15.07
N GLN A 34 2.61 -32.18 15.21
CA GLN A 34 3.95 -32.41 14.69
C GLN A 34 4.58 -33.64 15.34
N ALA A 35 4.34 -33.80 16.64
CA ALA A 35 4.90 -34.93 17.39
C ALA A 35 4.27 -36.23 16.94
N ALA A 36 2.96 -36.22 16.72
CA ALA A 36 2.25 -37.43 16.30
C ALA A 36 2.64 -37.85 14.89
N GLU A 37 2.92 -36.88 14.03
CA GLU A 37 3.24 -37.16 12.63
C GLU A 37 4.71 -37.52 12.41
N ASN A 38 5.55 -37.25 13.40
CA ASN A 38 6.99 -37.42 13.24
C ASN A 38 7.65 -38.29 14.31
N GLY A 39 7.01 -39.40 14.66
CA GLY A 39 7.67 -40.39 15.51
C GLY A 39 7.16 -40.49 16.94
N GLY A 40 6.10 -39.76 17.25
CA GLY A 40 5.53 -39.78 18.58
C GLY A 40 6.50 -39.40 19.68
N GLY A 41 6.75 -40.32 20.60
CA GLY A 41 7.69 -40.10 21.67
C GLY A 41 9.13 -39.95 21.17
N ALA A 42 9.43 -40.61 20.06
CA ALA A 42 10.76 -40.55 19.47
C ALA A 42 11.09 -39.14 18.96
N PHE A 43 10.05 -38.36 18.68
CA PHE A 43 10.22 -36.99 18.21
C PHE A 43 10.96 -36.12 19.22
N MET A 44 10.98 -36.54 20.48
CA MET A 44 11.63 -35.76 21.53
C MET A 44 13.15 -35.82 21.44
N ILE A 45 13.68 -36.79 20.70
CA ILE A 45 15.12 -36.86 20.51
C ILE A 45 15.61 -35.70 19.62
N PRO A 46 15.07 -35.56 18.39
CA PRO A 46 15.57 -34.41 17.63
C PRO A 46 15.06 -33.07 18.18
N TYR A 47 13.96 -33.11 18.94
CA TYR A 47 13.37 -31.91 19.51
C TYR A 47 14.27 -31.29 20.58
N ILE A 48 14.74 -32.13 21.50
CA ILE A 48 15.64 -31.69 22.55
C ILE A 48 16.98 -31.25 21.97
N ILE A 49 17.46 -32.00 20.99
CA ILE A 49 18.71 -31.67 20.31
C ILE A 49 18.62 -30.32 19.62
N ALA A 50 17.51 -30.09 18.92
CA ALA A 50 17.25 -28.81 18.24
C ALA A 50 17.17 -27.67 19.26
N PHE A 51 16.57 -27.96 20.40
CA PHE A 51 16.47 -27.00 21.50
C PHE A 51 17.87 -26.61 21.96
N LEU A 52 18.74 -27.61 22.05
CA LEU A 52 20.10 -27.39 22.57
C LEU A 52 21.03 -26.73 21.55
N LEU A 53 20.89 -27.08 20.28
CA LEU A 53 21.84 -26.61 19.27
C LEU A 53 21.35 -25.38 18.50
N VAL A 54 20.05 -25.13 18.53
CA VAL A 54 19.48 -24.03 17.75
C VAL A 54 18.66 -23.04 18.57
N GLY A 55 17.67 -23.54 19.29
CA GLY A 55 16.74 -22.66 20.00
C GLY A 55 17.38 -21.80 21.06
N ILE A 56 17.96 -22.44 22.06
CA ILE A 56 18.66 -21.77 23.17
C ILE A 56 19.79 -20.84 22.71
N PRO A 57 20.69 -21.32 21.83
CA PRO A 57 21.77 -20.41 21.41
C PRO A 57 21.25 -19.12 20.77
N LEU A 58 20.30 -19.24 19.84
CA LEU A 58 19.81 -18.07 19.11
C LEU A 58 19.07 -17.12 20.03
N MET A 59 18.28 -17.69 20.93
CA MET A 59 17.53 -16.91 21.90
C MET A 59 18.45 -16.05 22.77
N TRP A 60 19.54 -16.65 23.26
CA TRP A 60 20.53 -15.89 24.03
C TRP A 60 21.08 -14.73 23.22
N ILE A 61 21.34 -14.99 21.94
CA ILE A 61 21.87 -14.00 21.01
C ILE A 61 20.91 -12.82 20.83
N GLU A 62 19.63 -13.12 20.65
CA GLU A 62 18.61 -12.08 20.50
C GLU A 62 18.45 -11.24 21.76
N TRP A 63 18.50 -11.88 22.92
CA TRP A 63 18.49 -11.17 24.20
C TRP A 63 19.68 -10.22 24.27
N ALA A 64 20.85 -10.73 23.92
CA ALA A 64 22.09 -9.96 23.99
C ALA A 64 22.09 -8.78 23.04
N MET A 65 21.64 -9.01 21.80
CA MET A 65 21.55 -7.95 20.80
C MET A 65 20.60 -6.84 21.26
N GLY A 66 19.47 -7.25 21.81
CA GLY A 66 18.47 -6.31 22.30
C GLY A 66 18.97 -5.49 23.46
N ARG A 67 19.55 -6.15 24.45
CA ARG A 67 20.08 -5.44 25.61
C ARG A 67 21.20 -4.50 25.18
N TYR A 68 22.01 -4.97 24.24
CA TYR A 68 23.10 -4.17 23.70
C TYR A 68 22.57 -2.89 23.07
N GLY A 69 21.53 -3.03 22.25
CA GLY A 69 20.92 -1.88 21.60
C GLY A 69 20.20 -0.98 22.56
N GLY A 70 19.48 -1.58 23.51
CA GLY A 70 18.73 -0.82 24.51
C GLY A 70 19.61 0.11 25.32
N ALA A 71 20.85 -0.32 25.56
CA ALA A 71 21.80 0.50 26.32
C ALA A 71 22.13 1.79 25.58
N GLN A 72 21.94 1.79 24.26
CA GLN A 72 22.19 2.99 23.47
C GLN A 72 20.89 3.66 22.99
N GLY A 73 19.76 3.19 23.53
CA GLY A 73 18.47 3.79 23.23
C GLY A 73 17.78 3.29 21.97
N HIS A 74 18.16 2.10 21.52
CA HIS A 74 17.60 1.53 20.29
C HIS A 74 17.04 0.13 20.52
N GLY A 75 15.76 -0.05 20.19
CA GLY A 75 15.12 -1.34 20.41
C GLY A 75 14.89 -2.22 19.20
N THR A 76 15.14 -1.70 18.00
CA THR A 76 14.87 -2.46 16.78
C THR A 76 16.10 -2.62 15.90
N THR A 77 16.03 -3.62 15.02
CA THR A 77 17.17 -4.06 14.20
C THR A 77 17.71 -3.12 13.11
N PRO A 78 16.92 -2.14 12.63
CA PRO A 78 17.63 -1.26 11.69
C PRO A 78 18.78 -0.50 12.36
N ALA A 79 18.53 0.03 13.55
CA ALA A 79 19.57 0.76 14.30
C ALA A 79 20.56 -0.20 14.97
N ILE A 80 20.06 -1.33 15.48
CA ILE A 80 20.90 -2.28 16.19
C ILE A 80 21.91 -2.96 15.26
N PHE A 81 21.46 -3.40 14.08
CA PHE A 81 22.38 -3.97 13.10
C PHE A 81 23.47 -2.98 12.72
N TYR A 82 23.10 -1.70 12.65
CA TYR A 82 24.05 -0.65 12.27
C TYR A 82 25.08 -0.42 13.37
N LEU A 83 24.69 -0.66 14.61
CA LEU A 83 25.60 -0.56 15.74
C LEU A 83 26.60 -1.71 15.73
N LEU A 84 26.14 -2.88 15.26
CA LEU A 84 26.98 -4.07 15.20
C LEU A 84 27.84 -4.07 13.94
N TRP A 85 27.38 -3.34 12.94
CA TRP A 85 28.02 -3.36 11.63
C TRP A 85 27.72 -2.04 10.93
N ARG A 86 28.65 -1.10 11.02
CA ARG A 86 28.44 0.22 10.43
C ARG A 86 28.53 0.16 8.91
N ASN A 87 27.44 -0.27 8.30
CA ASN A 87 27.34 -0.42 6.85
C ASN A 87 25.90 -0.11 6.44
N ARG A 88 25.73 0.49 5.27
CA ARG A 88 24.40 0.83 4.79
C ARG A 88 23.53 -0.41 4.61
N PHE A 89 24.15 -1.50 4.19
CA PHE A 89 23.44 -2.74 3.95
C PHE A 89 22.91 -3.34 5.26
N ALA A 90 23.52 -2.97 6.38
CA ALA A 90 23.05 -3.45 7.68
C ALA A 90 21.72 -2.82 8.05
N LYS A 91 21.55 -1.55 7.70
CA LYS A 91 20.30 -0.84 7.97
C LYS A 91 19.14 -1.43 7.15
N ILE A 92 19.39 -1.74 5.89
CA ILE A 92 18.37 -2.34 5.03
C ILE A 92 18.01 -3.74 5.47
N LEU A 93 19.01 -4.55 5.83
CA LEU A 93 18.74 -5.87 6.39
C LEU A 93 17.97 -5.74 7.70
N GLY A 94 18.24 -4.68 8.44
CA GLY A 94 17.56 -4.44 9.71
C GLY A 94 16.09 -4.13 9.54
N VAL A 95 15.73 -3.58 8.39
CA VAL A 95 14.34 -3.28 8.06
C VAL A 95 13.49 -4.55 8.08
N PHE A 96 14.10 -5.66 7.67
CA PHE A 96 13.39 -6.93 7.62
C PHE A 96 12.90 -7.30 9.01
N GLY A 97 13.69 -6.97 10.02
CA GLY A 97 13.35 -7.26 11.41
C GLY A 97 12.25 -6.37 11.95
N LEU A 98 11.81 -5.43 11.13
CA LEU A 98 10.69 -4.58 11.47
C LEU A 98 9.49 -4.96 10.60
N TRP A 99 9.80 -5.38 9.38
CA TRP A 99 8.79 -5.78 8.39
C TRP A 99 8.10 -7.10 8.78
N ILE A 100 8.88 -8.10 9.15
CA ILE A 100 8.35 -9.39 9.53
C ILE A 100 7.26 -9.30 10.62
N PRO A 101 7.57 -8.65 11.77
CA PRO A 101 6.50 -8.64 12.77
C PRO A 101 5.29 -7.78 12.37
N LEU A 102 5.53 -6.77 11.54
CA LEU A 102 4.43 -5.94 11.07
C LEU A 102 3.49 -6.75 10.18
N VAL A 103 4.06 -7.53 9.27
CA VAL A 103 3.27 -8.36 8.37
C VAL A 103 2.52 -9.48 9.13
N VAL A 104 3.20 -10.07 10.12
CA VAL A 104 2.57 -11.10 10.95
C VAL A 104 1.38 -10.52 11.71
N ALA A 105 1.55 -9.32 12.26
CA ALA A 105 0.47 -8.65 12.97
C ALA A 105 -0.76 -8.46 12.10
N ILE A 106 -0.52 -8.19 10.82
CA ILE A 106 -1.58 -7.89 9.87
C ILE A 106 -2.53 -9.08 9.66
N TYR A 107 -2.04 -10.31 9.86
CA TYR A 107 -2.96 -11.45 9.82
C TYR A 107 -3.21 -12.13 11.17
N TYR A 108 -2.23 -12.08 12.08
CA TYR A 108 -2.32 -12.85 13.32
C TYR A 108 -3.32 -12.29 14.33
N VAL A 109 -3.42 -10.97 14.39
CA VAL A 109 -4.38 -10.35 15.29
C VAL A 109 -5.79 -10.72 14.83
N TYR A 110 -5.98 -10.86 13.52
CA TYR A 110 -7.27 -11.27 12.98
C TYR A 110 -7.61 -12.69 13.42
N ILE A 111 -6.64 -13.59 13.31
CA ILE A 111 -6.80 -14.96 13.76
C ILE A 111 -7.08 -15.01 15.27
N GLU A 112 -6.34 -14.19 16.01
CA GLU A 112 -6.57 -14.03 17.45
C GLU A 112 -8.02 -13.62 17.74
N SER A 113 -8.56 -12.73 16.90
CA SER A 113 -9.94 -12.29 17.08
C SER A 113 -10.95 -13.43 16.91
N TRP A 114 -10.61 -14.44 16.12
CA TRP A 114 -11.51 -15.59 15.92
C TRP A 114 -11.75 -16.32 17.24
N THR A 115 -10.69 -16.50 18.02
CA THR A 115 -10.77 -17.25 19.27
C THR A 115 -11.65 -16.52 20.28
N LEU A 116 -11.55 -15.20 20.32
CA LEU A 116 -12.40 -14.39 21.18
C LEU A 116 -13.86 -14.51 20.73
N GLY A 117 -14.06 -14.44 19.42
CA GLY A 117 -15.39 -14.56 18.84
C GLY A 117 -16.05 -15.89 19.15
N PHE A 118 -15.27 -16.97 19.04
CA PHE A 118 -15.76 -18.30 19.34
C PHE A 118 -16.05 -18.48 20.84
N ALA A 119 -15.21 -17.87 21.68
CA ALA A 119 -15.40 -17.95 23.12
C ALA A 119 -16.73 -17.29 23.53
N ILE A 120 -17.01 -16.12 22.95
CA ILE A 120 -18.27 -15.43 23.19
C ILE A 120 -19.47 -16.25 22.72
N LYS A 121 -19.40 -16.77 21.50
CA LYS A 121 -20.49 -17.57 20.95
C LYS A 121 -20.76 -18.81 21.79
N PHE A 122 -19.68 -19.43 22.27
CA PHE A 122 -19.82 -20.59 23.14
C PHE A 122 -20.45 -20.21 24.47
N LEU A 123 -19.93 -19.15 25.07
CA LEU A 123 -20.42 -18.70 26.38
C LEU A 123 -21.92 -18.46 26.39
N VAL A 124 -22.42 -17.80 25.34
CA VAL A 124 -23.84 -17.49 25.26
C VAL A 124 -24.64 -18.55 24.50
N GLY A 125 -23.97 -19.60 24.04
CA GLY A 125 -24.64 -20.71 23.40
C GLY A 125 -25.04 -20.51 21.95
N LEU A 126 -24.43 -19.55 21.27
CA LEU A 126 -24.69 -19.31 19.85
C LEU A 126 -23.86 -20.24 18.96
N VAL A 127 -23.87 -21.53 19.28
CA VAL A 127 -23.09 -22.52 18.55
C VAL A 127 -24.01 -23.62 18.04
N PRO A 128 -23.58 -24.35 16.99
CA PRO A 128 -24.40 -25.44 16.46
C PRO A 128 -24.57 -26.57 17.48
N GLU A 129 -25.61 -27.38 17.29
CA GLU A 129 -25.88 -28.49 18.20
C GLU A 129 -26.31 -29.73 17.45
N PRO A 130 -25.33 -30.55 17.02
CA PRO A 130 -25.60 -31.81 16.33
C PRO A 130 -26.14 -32.87 17.29
N PRO A 131 -26.70 -33.98 16.77
CA PRO A 131 -26.95 -34.43 15.39
C PRO A 131 -27.72 -33.43 14.54
N THR A 135 -24.24 -39.80 16.14
CA THR A 135 -24.38 -40.55 14.90
C THR A 135 -23.01 -40.84 14.29
N ASP A 136 -22.72 -40.23 13.16
CA ASP A 136 -21.45 -40.44 12.46
C ASP A 136 -20.58 -39.18 12.54
N PRO A 137 -19.25 -39.35 12.48
CA PRO A 137 -18.30 -38.23 12.61
C PRO A 137 -18.61 -37.05 11.71
N ASP A 138 -18.90 -37.31 10.44
CA ASP A 138 -19.20 -36.24 9.49
C ASP A 138 -20.48 -35.51 9.85
N SER A 139 -21.40 -36.20 10.53
CA SER A 139 -22.65 -35.60 10.96
C SER A 139 -22.43 -34.63 12.11
N ILE A 140 -21.33 -34.80 12.83
CA ILE A 140 -21.01 -33.94 13.97
C ILE A 140 -20.06 -32.82 13.56
N LEU A 141 -19.09 -33.15 12.71
CA LEU A 141 -18.07 -32.20 12.31
C LEU A 141 -18.61 -31.11 11.37
N ARG A 142 -19.39 -31.52 10.37
CA ARG A 142 -19.88 -30.60 9.34
C ARG A 142 -20.60 -29.34 9.86
N PRO A 143 -21.49 -29.48 10.86
CA PRO A 143 -22.12 -28.24 11.36
C PRO A 143 -21.12 -27.24 11.94
N PHE A 144 -20.00 -27.73 12.43
CA PHE A 144 -18.96 -26.85 12.99
C PHE A 144 -18.00 -26.34 11.92
N LYS A 145 -17.77 -27.15 10.89
CA LYS A 145 -17.01 -26.71 9.73
C LYS A 145 -17.74 -25.54 9.06
N GLU A 146 -19.06 -25.67 8.92
CA GLU A 146 -19.89 -24.63 8.33
C GLU A 146 -19.97 -23.39 9.22
N PHE A 147 -20.03 -23.63 10.52
CA PHE A 147 -20.06 -22.56 11.51
C PHE A 147 -18.81 -21.70 11.39
N LEU A 148 -17.65 -22.37 11.31
CA LEU A 148 -16.39 -21.68 11.14
C LEU A 148 -16.31 -20.94 9.80
N TYR A 149 -16.74 -21.60 8.73
CA TYR A 149 -16.69 -21.02 7.39
C TYR A 149 -17.62 -19.82 7.26
N SER A 150 -18.74 -19.85 7.96
CA SER A 150 -19.68 -18.74 7.96
C SER A 150 -19.14 -17.57 8.79
N TYR A 151 -18.32 -17.88 9.79
CA TYR A 151 -17.69 -16.84 10.59
C TYR A 151 -16.63 -16.12 9.76
N ILE A 152 -15.76 -16.89 9.11
CA ILE A 152 -14.68 -16.35 8.30
C ILE A 152 -15.18 -15.84 6.95
N GLY A 153 -16.22 -16.49 6.43
CA GLY A 153 -16.73 -16.17 5.11
C GLY A 153 -15.96 -16.84 3.99
N VAL A 154 -15.59 -18.10 4.21
CA VAL A 154 -14.88 -18.91 3.23
C VAL A 154 -15.64 -18.93 1.90
N PRO A 155 -14.93 -18.73 0.78
CA PRO A 155 -15.57 -18.68 -0.54
C PRO A 155 -16.44 -19.88 -0.83
N LYS A 156 -17.68 -19.63 -1.22
CA LYS A 156 -18.59 -20.68 -1.63
C LYS A 156 -18.62 -20.82 -3.15
N GLY A 157 -18.09 -19.81 -3.83
CA GLY A 157 -18.02 -19.82 -5.28
C GLY A 157 -16.60 -19.94 -5.81
N ASP A 158 -16.37 -19.41 -7.02
CA ASP A 158 -15.06 -19.46 -7.65
C ASP A 158 -14.24 -18.19 -7.39
N GLU A 159 -14.90 -17.15 -6.89
CA GLU A 159 -14.23 -15.89 -6.59
C GLU A 159 -13.34 -16.03 -5.37
N PRO A 160 -12.18 -15.35 -5.39
CA PRO A 160 -11.25 -15.40 -4.25
C PRO A 160 -11.63 -14.37 -3.19
N ILE A 161 -12.93 -14.15 -3.03
CA ILE A 161 -13.45 -13.16 -2.11
C ILE A 161 -13.96 -13.81 -0.83
N LEU A 162 -13.51 -13.30 0.30
CA LEU A 162 -14.03 -13.72 1.59
C LEU A 162 -15.17 -12.80 1.98
N LYS A 163 -16.13 -13.32 2.76
CA LYS A 163 -17.19 -12.47 3.24
C LYS A 163 -17.38 -12.76 4.71
N PRO A 164 -16.55 -12.17 5.57
CA PRO A 164 -16.66 -12.36 7.02
C PRO A 164 -18.01 -11.88 7.55
N SER A 165 -18.51 -12.53 8.60
CA SER A 165 -19.73 -12.08 9.26
C SER A 165 -19.51 -10.73 9.94
N LEU A 166 -20.59 -10.02 10.22
CA LEU A 166 -20.52 -8.73 10.93
C LEU A 166 -19.94 -8.94 12.33
N PHE A 167 -20.29 -10.07 12.93
CA PHE A 167 -19.77 -10.42 14.23
C PHE A 167 -18.25 -10.56 14.21
N ALA A 168 -17.74 -11.28 13.22
CA ALA A 168 -16.29 -11.47 13.05
C ALA A 168 -15.57 -10.12 12.88
N TYR A 169 -16.19 -9.18 12.18
CA TYR A 169 -15.58 -7.87 11.96
C TYR A 169 -15.55 -7.04 13.25
N ILE A 170 -16.66 -7.04 13.97
CA ILE A 170 -16.77 -6.31 15.23
C ILE A 170 -15.85 -6.90 16.31
N VAL A 171 -15.74 -8.23 16.36
CA VAL A 171 -14.84 -8.86 17.33
C VAL A 171 -13.39 -8.50 17.04
N PHE A 172 -13.05 -8.36 15.76
CA PHE A 172 -11.72 -7.93 15.35
C PHE A 172 -11.42 -6.52 15.87
N LEU A 173 -12.39 -5.63 15.78
CA LEU A 173 -12.25 -4.29 16.32
C LEU A 173 -11.99 -4.31 17.83
N ILE A 174 -12.80 -5.09 18.53
CA ILE A 174 -12.67 -5.23 19.98
C ILE A 174 -11.30 -5.81 20.33
N THR A 175 -10.86 -6.80 19.56
CA THR A 175 -9.54 -7.39 19.75
C THR A 175 -8.42 -6.37 19.55
N MET A 176 -8.56 -5.49 18.55
CA MET A 176 -7.60 -4.42 18.33
C MET A 176 -7.60 -3.45 19.51
N PHE A 177 -8.80 -3.12 19.99
CA PHE A 177 -8.94 -2.24 21.15
C PHE A 177 -8.27 -2.81 22.40
N ILE A 178 -8.43 -4.10 22.63
CA ILE A 178 -7.83 -4.74 23.79
C ILE A 178 -6.31 -4.70 23.70
N ASN A 179 -5.78 -4.99 22.51
CA ASN A 179 -4.34 -4.89 22.29
C ASN A 179 -3.82 -3.50 22.56
N VAL A 180 -4.55 -2.49 22.06
CA VAL A 180 -4.15 -1.10 22.25
C VAL A 180 -4.16 -0.70 23.72
N SER A 181 -5.21 -1.11 24.43
CA SER A 181 -5.34 -0.83 25.87
C SER A 181 -4.11 -1.25 26.66
N ILE A 182 -3.55 -2.40 26.30
CA ILE A 182 -2.35 -2.87 26.99
C ILE A 182 -1.11 -2.10 26.55
N LEU A 183 -0.89 -2.03 25.25
CA LEU A 183 0.33 -1.44 24.69
C LEU A 183 0.50 0.04 25.03
N ILE A 184 -0.62 0.77 25.07
CA ILE A 184 -0.57 2.20 25.30
C ILE A 184 -0.17 2.55 26.74
N ARG A 185 -0.21 1.56 27.63
CA ARG A 185 0.24 1.77 29.01
C ARG A 185 1.73 1.45 29.16
N GLY A 186 2.33 0.93 28.09
CA GLY A 186 3.77 0.73 28.07
C GLY A 186 4.26 -0.64 28.48
N ILE A 187 5.56 -0.72 28.74
CA ILE A 187 6.22 -1.97 29.08
C ILE A 187 5.89 -2.49 30.48
N SER A 188 6.19 -1.69 31.50
CA SER A 188 6.04 -2.17 32.88
C SER A 188 4.58 -2.12 33.33
N LYS A 189 3.91 -1.00 33.05
CA LYS A 189 2.53 -0.80 33.49
C LYS A 189 1.52 -1.43 32.54
N GLY A 190 1.99 -1.84 31.36
CA GLY A 190 1.10 -2.44 30.37
C GLY A 190 1.41 -3.89 30.09
N ILE A 191 2.47 -4.13 29.33
CA ILE A 191 2.85 -5.48 28.94
C ILE A 191 3.26 -6.34 30.15
N GLU A 192 4.07 -5.78 31.03
CA GLU A 192 4.52 -6.52 32.21
C GLU A 192 3.37 -6.80 33.18
N ARG A 193 2.57 -5.78 33.44
CA ARG A 193 1.41 -5.93 34.31
C ARG A 193 0.47 -7.01 33.79
N PHE A 194 0.21 -6.99 32.49
CA PHE A 194 -0.70 -7.97 31.89
C PHE A 194 -0.15 -9.39 31.93
N ALA A 195 1.16 -9.53 31.74
CA ALA A 195 1.81 -10.85 31.78
C ALA A 195 1.62 -11.55 33.12
N LYS A 196 1.67 -10.79 34.22
CA LYS A 196 1.54 -11.35 35.55
C LYS A 196 0.10 -11.80 35.85
N ILE A 197 -0.84 -11.32 35.04
CA ILE A 197 -2.23 -11.74 35.14
C ILE A 197 -2.53 -12.88 34.18
N ALA A 198 -2.03 -12.73 32.95
CA ALA A 198 -2.37 -13.63 31.85
C ALA A 198 -1.74 -15.01 31.93
N MET A 199 -0.47 -15.08 32.32
CA MET A 199 0.22 -16.38 32.42
C MET A 199 -0.33 -17.28 33.53
N PRO A 200 -0.58 -16.72 34.74
CA PRO A 200 -1.24 -17.61 35.71
C PRO A 200 -2.63 -18.03 35.25
N THR A 201 -3.35 -17.11 34.63
CA THR A 201 -4.68 -17.41 34.06
C THR A 201 -4.58 -18.50 32.99
N LEU A 202 -3.54 -18.40 32.16
CA LEU A 202 -3.30 -19.39 31.12
C LEU A 202 -3.06 -20.76 31.76
N PHE A 203 -2.20 -20.78 32.77
CA PHE A 203 -1.85 -22.01 33.48
C PHE A 203 -3.06 -22.67 34.13
N ILE A 204 -3.91 -21.86 34.76
CA ILE A 204 -5.10 -22.38 35.43
C ILE A 204 -6.09 -22.98 34.43
N LEU A 205 -6.32 -22.28 33.33
CA LEU A 205 -7.24 -22.77 32.29
C LEU A 205 -6.78 -24.10 31.72
N ALA A 206 -5.48 -24.22 31.46
CA ALA A 206 -4.93 -25.42 30.84
C ALA A 206 -5.04 -26.62 31.78
N VAL A 207 -4.64 -26.43 33.03
CA VAL A 207 -4.67 -27.51 34.02
C VAL A 207 -6.09 -28.02 34.20
N PHE A 208 -7.04 -27.10 34.28
CA PHE A 208 -8.45 -27.48 34.35
C PHE A 208 -8.86 -28.29 33.13
N LEU A 209 -8.40 -27.87 31.95
CA LEU A 209 -8.71 -28.58 30.72
C LEU A 209 -8.07 -29.97 30.68
N VAL A 210 -6.82 -30.06 31.12
CA VAL A 210 -6.11 -31.33 31.19
C VAL A 210 -6.85 -32.33 32.08
N ILE A 211 -7.23 -31.87 33.26
CA ILE A 211 -7.95 -32.70 34.22
C ILE A 211 -9.28 -33.17 33.66
N ARG A 212 -10.02 -32.23 33.08
CA ARG A 212 -11.34 -32.54 32.53
C ARG A 212 -11.22 -33.51 31.35
N VAL A 213 -10.19 -33.33 30.54
CA VAL A 213 -9.94 -34.23 29.40
C VAL A 213 -9.56 -35.63 29.87
N PHE A 214 -8.76 -35.73 30.92
CA PHE A 214 -8.32 -37.03 31.42
C PHE A 214 -9.48 -37.85 31.98
N LEU A 215 -10.62 -37.20 32.20
CA LEU A 215 -11.80 -37.88 32.71
C LEU A 215 -12.76 -38.30 31.60
N LEU A 216 -12.45 -37.86 30.38
CA LEU A 216 -13.28 -38.17 29.22
C LEU A 216 -13.31 -39.68 28.93
N GLU A 217 -14.52 -40.23 28.79
CA GLU A 217 -14.69 -41.62 28.39
C GLU A 217 -15.83 -41.80 27.40
N THR A 218 -15.52 -42.39 26.25
CA THR A 218 -16.51 -42.64 25.21
C THR A 218 -16.46 -44.11 24.81
N PRO A 219 -17.49 -44.58 24.07
CA PRO A 219 -17.44 -45.95 23.54
C PRO A 219 -16.26 -46.18 22.58
N ASN A 220 -15.75 -45.11 21.99
CA ASN A 220 -14.65 -45.23 21.02
C ASN A 220 -13.28 -45.26 21.69
N GLY A 221 -13.21 -44.84 22.94
CA GLY A 221 -11.96 -44.86 23.67
C GLY A 221 -11.90 -43.89 24.85
N THR A 222 -10.69 -43.73 25.39
CA THR A 222 -10.47 -42.83 26.51
C THR A 222 -9.29 -41.90 26.26
N ALA A 223 -9.07 -40.96 27.19
CA ALA A 223 -7.96 -40.03 27.09
C ALA A 223 -6.61 -40.74 27.13
N ALA A 224 -6.56 -41.84 27.90
CA ALA A 224 -5.37 -42.67 28.00
C ALA A 224 -4.94 -43.18 26.63
N ASP A 225 -5.91 -43.53 25.80
CA ASP A 225 -5.64 -43.95 24.43
C ASP A 225 -4.96 -42.82 23.65
N GLY A 226 -5.38 -41.59 23.92
CA GLY A 226 -4.83 -40.42 23.27
C GLY A 226 -3.38 -40.19 23.64
N LEU A 227 -3.09 -40.24 24.93
CA LEU A 227 -1.73 -40.10 25.42
C LEU A 227 -0.83 -41.20 24.90
N ASN A 228 -1.38 -42.41 24.79
CA ASN A 228 -0.67 -43.54 24.19
C ASN A 228 -0.22 -43.28 22.75
N PHE A 229 -1.19 -43.08 21.87
CA PHE A 229 -0.93 -42.83 20.45
C PHE A 229 0.09 -41.72 20.23
N LEU A 230 -0.01 -40.67 21.04
CA LEU A 230 0.87 -39.52 20.88
C LEU A 230 2.31 -39.81 21.31
N TRP A 231 2.47 -40.58 22.38
CA TRP A 231 3.78 -40.75 22.99
C TRP A 231 4.48 -42.08 22.71
N THR A 232 3.78 -43.02 22.08
CA THR A 232 4.44 -44.24 21.62
C THR A 232 5.47 -43.90 20.55
N PRO A 233 6.75 -44.20 20.82
CA PRO A 233 7.85 -43.84 19.92
C PRO A 233 7.85 -44.63 18.62
N ASP A 234 8.20 -43.96 17.52
CA ASP A 234 8.42 -44.63 16.25
C ASP A 234 9.80 -44.25 15.73
N PHE A 235 10.80 -44.98 16.20
CA PHE A 235 12.21 -44.66 15.91
C PHE A 235 12.60 -44.80 14.45
N GLU A 236 11.75 -45.44 13.66
CA GLU A 236 12.05 -45.64 12.24
C GLU A 236 11.92 -44.32 11.47
N LYS A 237 11.14 -43.39 12.01
CA LYS A 237 10.96 -42.10 11.36
C LYS A 237 12.17 -41.20 11.55
N LEU A 238 13.04 -41.55 12.50
CA LEU A 238 14.25 -40.78 12.76
C LEU A 238 15.22 -40.85 11.59
N LYS A 239 15.05 -41.84 10.73
CA LYS A 239 15.83 -41.94 9.50
C LYS A 239 15.51 -40.79 8.57
N ASP A 240 14.23 -40.40 8.55
CA ASP A 240 13.77 -39.33 7.68
C ASP A 240 14.42 -38.02 8.09
N PRO A 241 15.16 -37.40 7.15
CA PRO A 241 15.77 -36.09 7.41
C PRO A 241 14.71 -35.03 7.67
N GLY A 242 13.52 -35.20 7.09
CA GLY A 242 12.46 -34.23 7.24
C GLY A 242 11.92 -34.17 8.65
N VAL A 243 12.17 -35.22 9.42
CA VAL A 243 11.75 -35.30 10.82
C VAL A 243 12.69 -34.45 11.67
N TRP A 244 13.95 -34.42 11.29
CA TRP A 244 14.93 -33.56 11.94
C TRP A 244 14.71 -32.11 11.52
N ILE A 245 14.27 -31.92 10.27
CA ILE A 245 13.90 -30.60 9.77
C ILE A 245 12.66 -30.11 10.51
N ALA A 246 11.71 -31.01 10.71
CA ALA A 246 10.48 -30.72 11.44
C ALA A 246 10.76 -30.29 12.87
N ALA A 247 11.74 -30.94 13.50
CA ALA A 247 12.11 -30.64 14.88
C ALA A 247 12.77 -29.26 14.98
N VAL A 248 13.75 -29.02 14.12
CA VAL A 248 14.45 -27.75 14.11
C VAL A 248 13.47 -26.63 13.79
N GLY A 249 12.55 -26.91 12.87
CA GLY A 249 11.51 -25.97 12.51
C GLY A 249 10.55 -25.71 13.67
N GLN A 250 10.13 -26.77 14.33
CA GLN A 250 9.20 -26.64 15.45
C GLN A 250 9.81 -25.78 16.55
N ILE A 251 11.06 -26.08 16.91
CA ILE A 251 11.78 -25.35 17.94
C ILE A 251 11.92 -23.86 17.59
N PHE A 252 12.33 -23.59 16.35
CA PHE A 252 12.53 -22.22 15.89
C PHE A 252 11.26 -21.39 16.01
N PHE A 253 10.13 -21.95 15.57
CA PHE A 253 8.86 -21.24 15.61
C PHE A 253 8.26 -21.20 17.01
N SER A 254 8.43 -22.26 17.78
CA SER A 254 7.87 -22.32 19.13
C SER A 254 8.48 -21.27 20.06
N LEU A 255 9.75 -20.96 19.84
CA LEU A 255 10.40 -19.92 20.64
C LEU A 255 10.19 -18.54 20.04
N GLY A 256 9.64 -18.51 18.81
CA GLY A 256 9.40 -17.25 18.13
C GLY A 256 10.66 -16.51 17.78
N LEU A 257 11.71 -17.26 17.44
CA LEU A 257 12.97 -16.66 17.01
C LEU A 257 12.83 -16.04 15.62
N GLY A 258 13.63 -15.01 15.35
CA GLY A 258 13.67 -14.38 14.03
C GLY A 258 12.54 -13.40 13.74
N PHE A 259 11.73 -13.08 14.75
CA PHE A 259 10.59 -12.19 14.57
C PHE A 259 10.80 -10.76 15.05
N GLY A 260 11.92 -10.50 15.72
CA GLY A 260 12.22 -9.15 16.19
C GLY A 260 11.62 -8.86 17.56
N ALA A 261 10.60 -9.61 17.95
CA ALA A 261 9.93 -9.37 19.22
C ALA A 261 10.86 -9.55 20.43
N ILE A 262 11.66 -10.62 20.41
CA ILE A 262 12.58 -10.92 21.48
C ILE A 262 13.66 -9.83 21.64
N ILE A 263 14.20 -9.38 20.53
CA ILE A 263 15.22 -8.34 20.57
C ILE A 263 14.66 -7.05 21.20
N THR A 264 13.47 -6.65 20.78
CA THR A 264 12.84 -5.45 21.30
C THR A 264 12.54 -5.55 22.80
N PHE A 265 12.00 -6.68 23.25
CA PHE A 265 11.73 -6.86 24.67
C PHE A 265 13.02 -6.77 25.48
N ALA A 266 14.09 -7.36 24.97
CA ALA A 266 15.39 -7.35 25.64
C ALA A 266 15.99 -5.94 25.73
N SER A 267 15.57 -5.06 24.84
CA SER A 267 16.10 -3.71 24.81
C SER A 267 15.60 -2.88 25.99
N TYR A 268 14.63 -3.40 26.72
CA TYR A 268 14.14 -2.75 27.94
C TYR A 268 14.75 -3.39 29.18
N VAL A 269 15.65 -4.34 28.96
CA VAL A 269 16.44 -4.92 30.03
C VAL A 269 17.65 -4.04 30.30
N ARG A 270 17.93 -3.77 31.58
CA ARG A 270 19.03 -2.89 31.96
C ARG A 270 20.38 -3.45 31.51
N LYS A 271 21.35 -2.55 31.38
CA LYS A 271 22.65 -2.86 30.78
C LYS A 271 23.34 -4.09 31.36
N ASP A 272 23.32 -4.24 32.68
CA ASP A 272 24.09 -5.30 33.32
C ASP A 272 23.20 -6.36 33.97
N GLN A 273 21.90 -6.27 33.73
CA GLN A 273 20.95 -7.26 34.24
C GLN A 273 21.10 -8.58 33.48
N ASP A 274 21.00 -9.69 34.19
CA ASP A 274 21.16 -11.03 33.61
C ASP A 274 20.21 -11.33 32.46
N ILE A 275 20.72 -12.02 31.45
CA ILE A 275 19.88 -12.50 30.35
C ILE A 275 20.09 -14.00 30.13
N VAL A 276 21.21 -14.53 30.62
CA VAL A 276 21.52 -15.94 30.42
C VAL A 276 20.53 -16.86 31.16
N LEU A 277 20.34 -16.63 32.46
CA LEU A 277 19.43 -17.47 33.24
C LEU A 277 17.97 -17.13 32.94
N SER A 278 17.67 -15.83 32.83
CA SER A 278 16.33 -15.37 32.53
C SER A 278 15.84 -15.91 31.18
N GLY A 279 16.70 -15.86 30.18
CA GLY A 279 16.36 -16.35 28.85
C GLY A 279 16.11 -17.85 28.85
N LEU A 280 17.02 -18.60 29.47
CA LEU A 280 16.87 -20.04 29.62
C LEU A 280 15.58 -20.40 30.36
N THR A 281 15.21 -19.59 31.34
CA THR A 281 13.99 -19.85 32.12
C THR A 281 12.75 -19.67 31.24
N ALA A 282 12.72 -18.58 30.48
CA ALA A 282 11.58 -18.28 29.60
C ALA A 282 11.38 -19.39 28.59
N ALA A 283 12.48 -19.86 28.01
CA ALA A 283 12.44 -20.95 27.04
C ALA A 283 11.89 -22.22 27.67
N THR A 284 12.28 -22.48 28.92
CA THR A 284 11.84 -23.66 29.64
C THR A 284 10.34 -23.66 29.89
N LEU A 285 9.79 -22.52 30.31
CA LEU A 285 8.35 -22.40 30.52
C LEU A 285 7.60 -22.76 29.25
N ASN A 286 8.08 -22.23 28.13
CA ASN A 286 7.48 -22.49 26.82
C ASN A 286 7.49 -23.97 26.48
N GLU A 287 8.61 -24.63 26.71
CA GLU A 287 8.73 -26.06 26.43
C GLU A 287 7.79 -26.89 27.31
N LYS A 288 7.70 -26.53 28.58
CA LYS A 288 6.79 -27.23 29.50
C LYS A 288 5.34 -27.02 29.06
N ALA A 289 4.99 -25.76 28.78
CA ALA A 289 3.64 -25.44 28.33
C ALA A 289 3.32 -26.16 27.02
N GLU A 290 4.37 -26.41 26.24
CA GLU A 290 4.23 -27.06 24.95
C GLU A 290 3.98 -28.57 25.07
N VAL A 291 4.91 -29.29 25.68
CA VAL A 291 4.81 -30.76 25.74
C VAL A 291 3.89 -31.26 26.87
N ILE A 292 3.88 -30.58 28.02
CA ILE A 292 3.06 -31.04 29.13
C ILE A 292 1.59 -30.67 28.96
N LEU A 293 1.33 -29.38 28.80
CA LEU A 293 -0.04 -28.89 28.73
C LEU A 293 -0.63 -29.08 27.34
N GLY A 294 0.09 -28.64 26.32
CA GLY A 294 -0.39 -28.74 24.94
C GLY A 294 -0.64 -30.16 24.48
N GLY A 295 0.27 -31.06 24.81
CA GLY A 295 0.15 -32.45 24.41
C GLY A 295 -0.89 -33.25 25.16
N SER A 296 -1.44 -32.68 26.24
CA SER A 296 -2.37 -33.40 27.11
C SER A 296 -3.84 -33.03 26.86
N ILE A 297 -4.09 -32.03 26.02
CA ILE A 297 -5.45 -31.56 25.81
C ILE A 297 -6.07 -31.97 24.47
N SER A 298 -5.59 -31.35 23.38
CA SER A 298 -6.24 -31.47 22.08
C SER A 298 -6.28 -32.89 21.51
N ILE A 299 -5.12 -33.53 21.39
CA ILE A 299 -5.04 -34.89 20.84
C ILE A 299 -5.68 -35.95 21.74
N PRO A 300 -5.36 -35.96 23.05
CA PRO A 300 -6.03 -36.97 23.89
C PRO A 300 -7.55 -36.86 23.85
N ALA A 301 -8.08 -35.63 23.79
CA ALA A 301 -9.53 -35.45 23.72
C ALA A 301 -10.10 -36.00 22.42
N ALA A 302 -9.41 -35.73 21.32
CA ALA A 302 -9.86 -36.15 19.99
C ALA A 302 -9.87 -37.67 19.86
N VAL A 303 -8.82 -38.32 20.35
CA VAL A 303 -8.70 -39.76 20.27
C VAL A 303 -9.69 -40.45 21.21
N ALA A 304 -9.95 -39.82 22.35
CA ALA A 304 -10.92 -40.33 23.31
C ALA A 304 -12.30 -40.42 22.71
N PHE A 305 -12.65 -39.43 21.89
CA PHE A 305 -14.00 -39.35 21.32
C PHE A 305 -14.16 -40.15 20.04
N PHE A 306 -13.15 -40.12 19.16
CA PHE A 306 -13.26 -40.75 17.86
C PHE A 306 -12.56 -42.11 17.77
N GLY A 307 -11.75 -42.43 18.77
CA GLY A 307 -11.03 -43.68 18.78
C GLY A 307 -9.66 -43.56 18.16
N VAL A 308 -8.73 -44.40 18.61
CA VAL A 308 -7.36 -44.41 18.10
C VAL A 308 -7.32 -44.77 16.61
N ALA A 309 -8.40 -45.39 16.13
CA ALA A 309 -8.51 -45.74 14.72
C ALA A 309 -8.43 -44.51 13.83
N ASN A 310 -8.93 -43.39 14.32
CA ASN A 310 -8.92 -42.16 13.54
C ASN A 310 -7.82 -41.19 13.97
N ALA A 311 -6.94 -41.66 14.86
CA ALA A 311 -5.85 -40.84 15.37
C ALA A 311 -4.95 -40.29 14.26
N VAL A 312 -4.56 -41.15 13.33
CA VAL A 312 -3.72 -40.74 12.21
C VAL A 312 -4.43 -39.72 11.32
N ALA A 313 -5.69 -40.02 10.99
CA ALA A 313 -6.49 -39.12 10.16
C ALA A 313 -6.63 -37.75 10.81
N ILE A 314 -6.87 -37.74 12.13
CA ILE A 314 -7.03 -36.50 12.88
C ILE A 314 -5.74 -35.68 12.85
N ALA A 315 -4.62 -36.36 13.08
CA ALA A 315 -3.31 -35.72 13.05
C ALA A 315 -3.02 -35.10 11.68
N LYS A 316 -3.36 -35.83 10.63
CA LYS A 316 -3.14 -35.37 9.26
C LYS A 316 -4.10 -34.26 8.83
N ALA A 317 -5.22 -34.13 9.53
CA ALA A 317 -6.17 -33.07 9.22
C ALA A 317 -5.61 -31.70 9.63
N GLY A 318 -4.58 -31.72 10.47
CA GLY A 318 -3.87 -30.50 10.80
C GLY A 318 -4.22 -29.84 12.12
N ALA A 319 -3.37 -28.90 12.53
CA ALA A 319 -3.55 -28.17 13.79
C ALA A 319 -4.78 -27.27 13.80
N PHE A 320 -5.05 -26.60 12.67
CA PHE A 320 -6.17 -25.68 12.58
C PHE A 320 -7.53 -26.38 12.68
N ASN A 321 -7.70 -27.45 11.91
CA ASN A 321 -8.95 -28.21 11.94
C ASN A 321 -9.22 -28.79 13.31
N LEU A 322 -8.15 -29.23 13.97
CA LEU A 322 -8.22 -29.81 15.30
C LEU A 322 -8.75 -28.82 16.33
N GLY A 323 -8.26 -27.58 16.27
CA GLY A 323 -8.61 -26.58 17.27
C GLY A 323 -9.87 -25.79 17.00
N PHE A 324 -10.29 -25.71 15.73
CA PHE A 324 -11.42 -24.86 15.36
C PHE A 324 -12.62 -25.63 14.85
N ILE A 325 -12.44 -26.90 14.51
CA ILE A 325 -13.55 -27.71 14.05
C ILE A 325 -13.76 -28.95 14.91
N THR A 326 -12.72 -29.77 15.03
CA THR A 326 -12.81 -31.06 15.72
C THR A 326 -13.14 -30.93 17.21
N LEU A 327 -12.32 -30.19 17.95
CA LEU A 327 -12.58 -30.00 19.39
C LEU A 327 -13.91 -29.31 19.70
N PRO A 328 -14.26 -28.23 18.97
CA PRO A 328 -15.61 -27.70 19.20
C PRO A 328 -16.71 -28.74 18.99
N ALA A 329 -16.60 -29.56 17.95
CA ALA A 329 -17.59 -30.59 17.69
C ALA A 329 -17.67 -31.60 18.84
N ILE A 330 -16.51 -32.00 19.36
CA ILE A 330 -16.44 -32.88 20.50
C ILE A 330 -17.11 -32.26 21.74
N PHE A 331 -16.82 -30.99 21.97
CA PHE A 331 -17.39 -30.28 23.12
C PHE A 331 -18.92 -30.23 23.07
N SER A 332 -19.48 -30.17 21.87
CA SER A 332 -20.94 -30.14 21.74
C SER A 332 -21.55 -31.52 22.00
N GLN A 333 -20.71 -32.52 22.20
CA GLN A 333 -21.19 -33.88 22.42
C GLN A 333 -20.86 -34.35 23.83
N THR A 334 -20.27 -33.45 24.62
CA THR A 334 -19.88 -33.79 25.98
C THR A 334 -20.68 -32.98 26.99
N ALA A 335 -20.79 -33.49 28.21
CA ALA A 335 -21.56 -32.85 29.27
C ALA A 335 -20.93 -31.53 29.70
N GLY A 336 -21.69 -30.44 29.58
CA GLY A 336 -21.20 -29.12 29.92
C GLY A 336 -20.12 -28.63 28.98
N GLY A 337 -20.09 -29.23 27.78
CA GLY A 337 -19.04 -28.94 26.81
C GLY A 337 -19.09 -27.54 26.25
N THR A 338 -20.25 -26.92 26.35
CA THR A 338 -20.42 -25.54 25.90
C THR A 338 -19.55 -24.59 26.75
N PHE A 339 -19.51 -24.81 28.06
CA PHE A 339 -18.63 -24.02 28.92
C PHE A 339 -17.18 -24.48 28.74
N LEU A 340 -17.00 -25.75 28.38
CA LEU A 340 -15.69 -26.29 28.05
C LEU A 340 -15.14 -25.60 26.79
N GLY A 341 -16.02 -25.39 25.82
CA GLY A 341 -15.68 -24.71 24.58
C GLY A 341 -15.24 -23.29 24.83
N PHE A 342 -15.95 -22.60 25.72
CA PHE A 342 -15.57 -21.24 26.12
C PHE A 342 -14.16 -21.20 26.71
N LEU A 343 -13.88 -22.12 27.62
CA LEU A 343 -12.57 -22.18 28.25
C LEU A 343 -11.45 -22.48 27.25
N TRP A 344 -11.72 -23.36 26.30
CA TRP A 344 -10.75 -23.70 25.28
C TRP A 344 -10.41 -22.47 24.44
N PHE A 345 -11.44 -21.76 24.00
CA PHE A 345 -11.19 -20.57 23.20
C PHE A 345 -10.72 -19.37 24.03
N PHE A 346 -11.09 -19.32 25.30
CA PHE A 346 -10.55 -18.32 26.21
C PHE A 346 -9.05 -18.55 26.33
N LEU A 347 -8.67 -19.81 26.51
CA LEU A 347 -7.26 -20.19 26.59
C LEU A 347 -6.49 -19.75 25.35
N LEU A 348 -7.03 -20.06 24.18
CA LEU A 348 -6.37 -19.70 22.93
C LEU A 348 -6.26 -18.19 22.79
N PHE A 349 -7.30 -17.48 23.21
CA PHE A 349 -7.31 -16.02 23.12
C PHE A 349 -6.20 -15.36 23.94
N PHE A 350 -6.02 -15.79 25.19
CA PHE A 350 -4.95 -15.22 26.02
C PHE A 350 -3.57 -15.63 25.52
N ALA A 351 -3.47 -16.84 24.99
CA ALA A 351 -2.24 -17.31 24.36
C ALA A 351 -1.89 -16.43 23.15
N GLY A 352 -2.90 -16.05 22.39
CA GLY A 352 -2.69 -15.17 21.26
C GLY A 352 -2.37 -13.75 21.69
N LEU A 353 -3.15 -13.24 22.64
CA LEU A 353 -3.02 -11.86 23.10
C LEU A 353 -1.64 -11.54 23.69
N THR A 354 -1.10 -12.46 24.48
CA THR A 354 0.25 -12.27 25.03
C THR A 354 1.32 -12.29 23.92
N SER A 355 1.00 -12.90 22.80
CA SER A 355 1.95 -12.96 21.69
C SER A 355 1.85 -11.71 20.82
N SER A 356 0.63 -11.22 20.63
CA SER A 356 0.41 -10.07 19.75
C SER A 356 0.87 -8.74 20.35
N ILE A 357 0.76 -8.57 21.66
CA ILE A 357 1.30 -7.35 22.28
C ILE A 357 2.82 -7.31 22.17
N ALA A 358 3.46 -8.47 22.21
CA ALA A 358 4.91 -8.56 22.00
C ALA A 358 5.27 -8.31 20.54
N GLY A 359 4.41 -8.77 19.64
CA GLY A 359 4.71 -8.70 18.22
C GLY A 359 4.51 -7.34 17.60
N MET A 360 3.73 -6.47 18.24
CA MET A 360 3.52 -5.13 17.72
C MET A 360 4.42 -4.08 18.37
N GLN A 361 5.10 -4.45 19.45
CA GLN A 361 6.04 -3.56 20.13
C GLN A 361 7.25 -3.11 19.30
N PRO A 362 7.81 -3.98 18.43
CA PRO A 362 8.92 -3.47 17.63
C PRO A 362 8.55 -2.24 16.79
N MET A 363 7.36 -2.23 16.22
CA MET A 363 6.93 -1.07 15.43
C MET A 363 6.72 0.14 16.36
N ILE A 364 6.22 -0.13 17.55
CA ILE A 364 6.04 0.91 18.56
C ILE A 364 7.39 1.46 19.01
N ALA A 365 8.33 0.56 19.27
CA ALA A 365 9.69 0.95 19.67
C ALA A 365 10.39 1.79 18.61
N PHE A 366 10.26 1.41 17.34
CA PHE A 366 10.89 2.15 16.25
C PHE A 366 10.39 3.59 16.17
N LEU A 367 9.08 3.77 16.20
CA LEU A 367 8.51 5.11 16.15
C LEU A 367 8.93 5.94 17.35
N GLU A 368 8.98 5.31 18.52
CA GLU A 368 9.43 5.98 19.74
C GLU A 368 10.92 6.30 19.70
N ASP A 369 11.74 5.28 19.47
CA ASP A 369 13.19 5.44 19.56
C ASP A 369 13.80 6.28 18.43
N GLU A 370 13.33 6.06 17.20
CA GLU A 370 14.01 6.59 16.02
C GLU A 370 13.32 7.81 15.41
N LEU A 371 12.00 7.88 15.54
CA LEU A 371 11.24 9.02 15.03
C LEU A 371 10.70 9.89 16.17
N LYS A 372 11.04 9.52 17.40
CA LYS A 372 10.75 10.31 18.59
C LYS A 372 9.26 10.59 18.80
N LEU A 373 8.41 9.66 18.38
CA LEU A 373 6.99 9.78 18.65
C LEU A 373 6.70 9.47 20.12
N SER A 374 5.64 10.06 20.64
CA SER A 374 5.17 9.72 21.98
C SER A 374 4.62 8.30 21.96
N ARG A 375 4.52 7.67 23.12
CA ARG A 375 4.02 6.31 23.19
C ARG A 375 2.60 6.22 22.67
N LYS A 376 1.78 7.20 23.03
CA LYS A 376 0.38 7.23 22.60
C LYS A 376 0.26 7.25 21.08
N HIS A 377 1.03 8.14 20.44
CA HIS A 377 1.00 8.27 18.98
C HIS A 377 1.57 7.03 18.30
N ALA A 378 2.66 6.49 18.86
CA ALA A 378 3.29 5.31 18.28
C ALA A 378 2.35 4.10 18.32
N VAL A 379 1.65 3.93 19.44
CA VAL A 379 0.71 2.83 19.56
C VAL A 379 -0.49 3.00 18.63
N LEU A 380 -1.03 4.22 18.55
CA LEU A 380 -2.21 4.46 17.71
C LEU A 380 -1.91 4.33 16.22
N TRP A 381 -0.76 4.83 15.77
CA TRP A 381 -0.38 4.73 14.36
C TRP A 381 -0.08 3.29 13.98
N THR A 382 0.54 2.54 14.89
CA THR A 382 0.82 1.14 14.64
C THR A 382 -0.48 0.36 14.49
N ALA A 383 -1.43 0.60 15.40
CA ALA A 383 -2.74 -0.03 15.34
C ALA A 383 -3.49 0.37 14.08
N ALA A 384 -3.33 1.63 13.67
CA ALA A 384 -4.00 2.14 12.48
C ALA A 384 -3.55 1.38 11.24
N ILE A 385 -2.24 1.20 11.10
CA ILE A 385 -1.67 0.48 9.98
C ILE A 385 -2.07 -1.00 9.98
N VAL A 386 -2.01 -1.64 11.14
CA VAL A 386 -2.37 -3.05 11.23
C VAL A 386 -3.86 -3.24 10.94
N PHE A 387 -4.69 -2.38 11.52
CA PHE A 387 -6.13 -2.44 11.28
C PHE A 387 -6.48 -2.25 9.80
N PHE A 388 -5.93 -1.21 9.19
CA PHE A 388 -6.20 -0.93 7.79
C PHE A 388 -5.72 -2.07 6.88
N SER A 389 -4.47 -2.48 7.07
CA SER A 389 -3.87 -3.52 6.25
C SER A 389 -4.60 -4.87 6.35
N ALA A 390 -5.16 -5.14 7.53
CA ALA A 390 -5.82 -6.42 7.81
C ALA A 390 -7.07 -6.66 6.95
N HIS A 391 -7.63 -5.59 6.40
CA HIS A 391 -8.79 -5.73 5.52
C HIS A 391 -8.45 -6.58 4.29
N LEU A 392 -7.18 -6.61 3.93
CA LEU A 392 -6.72 -7.47 2.84
C LEU A 392 -6.84 -8.93 3.26
N VAL A 393 -6.45 -9.21 4.50
CA VAL A 393 -6.52 -10.55 5.07
C VAL A 393 -7.97 -10.99 5.30
N MET A 394 -8.83 -10.04 5.64
CA MET A 394 -10.22 -10.35 5.92
C MET A 394 -11.06 -10.61 4.65
N PHE A 395 -10.69 -9.98 3.55
CA PHE A 395 -11.54 -10.03 2.35
C PHE A 395 -10.95 -10.81 1.17
N LEU A 396 -9.65 -11.07 1.20
CA LEU A 396 -9.01 -11.72 0.05
C LEU A 396 -8.53 -13.13 0.40
N ASN A 397 -9.11 -14.13 -0.25
CA ASN A 397 -8.79 -15.52 0.06
C ASN A 397 -7.32 -15.85 -0.20
N LYS A 398 -6.72 -16.58 0.75
CA LYS A 398 -5.32 -17.03 0.70
C LYS A 398 -4.31 -15.89 0.89
N SER A 399 -4.78 -14.68 1.14
CA SER A 399 -3.89 -13.57 1.46
C SER A 399 -3.13 -13.86 2.76
N LEU A 400 -3.85 -14.43 3.73
CA LEU A 400 -3.29 -14.87 4.99
C LEU A 400 -2.10 -15.80 4.78
N ASP A 401 -2.30 -16.79 3.90
CA ASP A 401 -1.30 -17.82 3.62
C ASP A 401 -0.06 -17.25 2.97
N GLU A 402 -0.26 -16.27 2.10
CA GLU A 402 0.85 -15.66 1.38
C GLU A 402 1.71 -14.88 2.38
N MET A 403 1.07 -14.11 3.24
CA MET A 403 1.78 -13.36 4.28
C MET A 403 2.50 -14.30 5.25
N ASP A 404 1.82 -15.38 5.63
CA ASP A 404 2.38 -16.35 6.56
C ASP A 404 3.62 -17.04 5.98
N PHE A 405 3.65 -17.19 4.67
CA PHE A 405 4.79 -17.84 4.02
C PHE A 405 6.03 -16.95 3.94
N TRP A 406 5.89 -15.78 3.31
CA TRP A 406 7.03 -14.91 3.07
C TRP A 406 7.62 -14.33 4.35
N ALA A 407 6.75 -13.81 5.22
CA ALA A 407 7.19 -13.21 6.47
C ALA A 407 7.27 -14.25 7.58
N GLY A 408 6.20 -15.01 7.71
CA GLY A 408 6.07 -15.92 8.83
C GLY A 408 6.85 -17.22 8.74
N THR A 409 7.38 -17.52 7.55
CA THR A 409 8.11 -18.77 7.38
C THR A 409 9.52 -18.56 6.82
N ILE A 410 9.60 -18.23 5.53
CA ILE A 410 10.89 -17.99 4.88
C ILE A 410 11.65 -16.82 5.50
N GLY A 411 10.94 -15.71 5.69
CA GLY A 411 11.53 -14.52 6.27
C GLY A 411 12.24 -14.71 7.59
N VAL A 412 11.55 -15.30 8.57
CA VAL A 412 12.12 -15.43 9.91
C VAL A 412 13.33 -16.34 9.98
N VAL A 413 13.35 -17.41 9.19
CA VAL A 413 14.51 -18.30 9.20
C VAL A 413 15.69 -17.59 8.55
N PHE A 414 15.41 -16.87 7.46
CA PHE A 414 16.41 -16.03 6.82
C PHE A 414 16.94 -14.96 7.76
N PHE A 415 16.03 -14.33 8.50
CA PHE A 415 16.43 -13.27 9.43
C PHE A 415 17.20 -13.83 10.63
N GLY A 416 16.81 -15.02 11.08
CA GLY A 416 17.51 -15.70 12.14
C GLY A 416 18.98 -15.94 11.81
N LEU A 417 19.22 -16.42 10.60
CA LEU A 417 20.57 -16.64 10.10
C LEU A 417 21.33 -15.30 10.01
N THR A 418 20.63 -14.26 9.60
CA THR A 418 21.20 -12.92 9.48
C THR A 418 21.67 -12.38 10.83
N GLU A 419 20.89 -12.65 11.88
CA GLU A 419 21.25 -12.24 13.23
C GLU A 419 22.55 -12.89 13.68
N LEU A 420 22.64 -14.20 13.51
CA LEU A 420 23.84 -14.97 13.84
C LEU A 420 25.08 -14.41 13.19
N ILE A 421 25.01 -14.24 11.87
CA ILE A 421 26.17 -13.83 11.09
C ILE A 421 26.62 -12.43 11.47
N ILE A 422 25.67 -11.50 11.56
CA ILE A 422 25.99 -10.12 11.91
C ILE A 422 26.56 -10.02 13.34
N PHE A 423 26.01 -10.79 14.26
CA PHE A 423 26.44 -10.72 15.65
C PHE A 423 27.75 -11.47 15.88
N PHE A 424 27.76 -12.76 15.57
CA PHE A 424 28.92 -13.60 15.87
C PHE A 424 30.06 -13.57 14.86
N TRP A 425 29.80 -13.18 13.62
CA TRP A 425 30.86 -13.18 12.61
C TRP A 425 31.33 -11.79 12.21
N ILE A 426 30.41 -10.88 11.98
CA ILE A 426 30.78 -9.53 11.56
C ILE A 426 31.18 -8.67 12.75
N PHE A 427 30.31 -8.59 13.75
CA PHE A 427 30.57 -7.81 14.96
C PHE A 427 31.78 -8.37 15.71
N GLY A 428 31.90 -9.69 15.73
CA GLY A 428 33.02 -10.34 16.39
C GLY A 428 32.54 -11.30 17.46
N ALA A 429 32.91 -12.57 17.32
CA ALA A 429 32.47 -13.62 18.25
C ALA A 429 32.89 -13.34 19.70
N ASP A 430 34.09 -12.79 19.90
CA ASP A 430 34.58 -12.51 21.25
C ASP A 430 33.81 -11.36 21.90
N LYS A 431 33.55 -10.32 21.12
CA LYS A 431 32.74 -9.20 21.59
C LYS A 431 31.31 -9.67 21.85
N ALA A 432 30.81 -10.53 20.96
CA ALA A 432 29.47 -11.11 21.11
C ALA A 432 29.38 -11.98 22.36
N TRP A 433 30.39 -12.79 22.57
CA TRP A 433 30.43 -13.72 23.72
C TRP A 433 30.39 -12.98 25.06
N GLU A 434 31.16 -11.90 25.16
CA GLU A 434 31.19 -11.10 26.38
C GLU A 434 29.86 -10.36 26.56
N GLU A 435 29.26 -9.97 25.45
CA GLU A 435 27.98 -9.26 25.47
C GLU A 435 26.87 -10.16 26.01
N ILE A 436 26.95 -11.45 25.71
CA ILE A 436 25.94 -12.40 26.18
C ILE A 436 26.09 -12.66 27.68
N ASN A 437 27.32 -12.87 28.14
CA ASN A 437 27.56 -13.31 29.51
C ASN A 437 27.60 -12.20 30.57
N ARG A 438 27.80 -10.95 30.14
CA ARG A 438 27.88 -9.83 31.06
C ARG A 438 26.65 -9.72 31.96
N GLY A 439 26.88 -9.70 33.27
CA GLY A 439 25.81 -9.58 34.24
C GLY A 439 25.08 -10.88 34.47
N GLY A 440 25.57 -11.95 33.86
CA GLY A 440 24.92 -13.25 33.96
C GLY A 440 24.96 -13.90 35.32
N ILE A 441 23.80 -14.33 35.80
CA ILE A 441 23.71 -15.07 37.05
C ILE A 441 24.46 -16.38 36.90
N ILE A 442 24.29 -17.00 35.74
CA ILE A 442 25.12 -18.13 35.35
C ILE A 442 25.85 -17.79 34.06
N LYS A 443 26.95 -18.47 33.78
CA LYS A 443 27.70 -18.23 32.55
C LYS A 443 27.40 -19.27 31.50
N VAL A 444 27.36 -18.84 30.25
CA VAL A 444 27.12 -19.75 29.14
C VAL A 444 28.27 -20.75 29.05
N PRO A 445 27.96 -22.06 29.00
CA PRO A 445 28.96 -23.10 28.85
C PRO A 445 29.89 -22.82 27.66
N ARG A 446 31.18 -22.99 27.88
CA ARG A 446 32.22 -22.65 26.91
C ARG A 446 32.02 -23.33 25.55
N ILE A 447 31.37 -24.49 25.57
CA ILE A 447 31.13 -25.27 24.36
C ILE A 447 30.22 -24.51 23.36
N TYR A 448 29.32 -23.68 23.90
CA TYR A 448 28.34 -22.99 23.06
C TYR A 448 28.96 -21.94 22.14
N TYR A 449 30.21 -21.59 22.40
CA TYR A 449 30.92 -20.64 21.56
C TYR A 449 31.09 -21.20 20.16
N TYR A 450 31.29 -22.51 20.09
CA TYR A 450 31.48 -23.20 18.82
C TYR A 450 30.14 -23.47 18.16
N VAL A 451 29.16 -23.82 18.96
CA VAL A 451 27.79 -24.04 18.50
C VAL A 451 27.22 -22.78 17.84
N MET A 452 27.32 -21.66 18.53
CA MET A 452 26.79 -20.40 18.02
C MET A 452 27.49 -19.96 16.74
N ARG A 453 28.76 -20.29 16.63
CA ARG A 453 29.59 -19.82 15.52
C ARG A 453 29.49 -20.70 14.25
N TYR A 454 29.33 -22.01 14.45
CA TYR A 454 29.34 -22.94 13.31
C TYR A 454 28.07 -23.78 13.22
N ILE A 455 27.69 -24.43 14.32
CA ILE A 455 26.57 -25.36 14.31
C ILE A 455 25.22 -24.71 14.07
N THR A 456 24.88 -23.73 14.91
CA THR A 456 23.59 -23.04 14.80
C THR A 456 23.36 -22.42 13.41
N PRO A 457 24.36 -21.69 12.85
CA PRO A 457 24.11 -21.16 11.51
C PRO A 457 24.02 -22.25 10.44
N ALA A 458 24.77 -23.33 10.60
CA ALA A 458 24.70 -24.45 9.68
C ALA A 458 23.29 -25.04 9.64
N PHE A 459 22.72 -25.30 10.80
CA PHE A 459 21.36 -25.82 10.92
C PHE A 459 20.34 -24.93 10.22
N LEU A 460 20.40 -23.64 10.51
CA LEU A 460 19.46 -22.67 9.93
C LEU A 460 19.62 -22.57 8.41
N ALA A 461 20.86 -22.65 7.93
CA ALA A 461 21.12 -22.61 6.50
C ALA A 461 20.51 -23.82 5.81
N VAL A 462 20.61 -24.97 6.47
CA VAL A 462 20.05 -26.21 5.94
C VAL A 462 18.54 -26.11 5.86
N LEU A 463 17.93 -25.63 6.94
CA LEU A 463 16.49 -25.45 7.01
C LEU A 463 16.01 -24.51 5.90
N LEU A 464 16.70 -23.39 5.74
CA LEU A 464 16.31 -22.39 4.77
C LEU A 464 16.39 -22.93 3.34
N VAL A 465 17.49 -23.60 3.03
CA VAL A 465 17.70 -24.15 1.69
C VAL A 465 16.66 -25.23 1.37
N VAL A 466 16.43 -26.15 2.30
CA VAL A 466 15.43 -27.19 2.12
C VAL A 466 14.04 -26.61 1.88
N TRP A 467 13.66 -25.62 2.68
CA TRP A 467 12.35 -25.00 2.52
C TRP A 467 12.24 -24.12 1.28
N ALA A 468 13.32 -23.45 0.91
CA ALA A 468 13.32 -22.65 -0.31
C ALA A 468 13.13 -23.54 -1.54
N ARG A 469 13.89 -24.64 -1.62
CA ARG A 469 13.79 -25.55 -2.75
C ARG A 469 12.45 -26.27 -2.81
N GLU A 470 11.90 -26.60 -1.65
CA GLU A 470 10.66 -27.37 -1.57
C GLU A 470 9.42 -26.51 -1.87
N TYR A 471 9.28 -25.39 -1.19
CA TYR A 471 8.02 -24.65 -1.19
C TYR A 471 7.94 -23.48 -2.18
N ILE A 472 9.05 -22.78 -2.38
CA ILE A 472 9.05 -21.60 -3.26
C ILE A 472 8.63 -21.88 -4.71
N PRO A 473 9.11 -22.98 -5.32
CA PRO A 473 8.61 -23.27 -6.66
C PRO A 473 7.09 -23.48 -6.71
N LYS A 474 6.53 -24.12 -5.68
CA LYS A 474 5.09 -24.35 -5.59
C LYS A 474 4.31 -23.03 -5.50
N ILE A 475 4.73 -22.18 -4.57
CA ILE A 475 4.04 -20.93 -4.29
C ILE A 475 4.07 -19.98 -5.50
N MET A 476 5.17 -20.02 -6.25
CA MET A 476 5.33 -19.13 -7.39
C MET A 476 4.58 -19.60 -8.63
N GLU A 477 4.41 -20.90 -8.79
CA GLU A 477 3.90 -21.45 -10.04
C GLU A 477 2.46 -21.99 -9.98
N GLU A 478 2.04 -22.46 -8.81
CA GLU A 478 0.76 -23.17 -8.70
C GLU A 478 -0.35 -22.39 -7.99
N THR A 479 -0.04 -21.18 -7.55
CA THR A 479 -1.03 -20.35 -6.84
C THR A 479 -1.91 -19.51 -7.76
N HIS A 480 -3.04 -19.06 -7.23
CA HIS A 480 -3.97 -18.19 -7.97
C HIS A 480 -3.33 -16.83 -8.22
N TRP A 481 -3.77 -16.12 -9.25
CA TRP A 481 -3.17 -14.83 -9.60
C TRP A 481 -3.36 -13.74 -8.55
N THR A 482 -4.38 -13.87 -7.72
CA THR A 482 -4.64 -12.86 -6.69
C THR A 482 -3.56 -12.80 -5.60
N VAL A 483 -2.65 -13.77 -5.58
CA VAL A 483 -1.54 -13.72 -4.64
C VAL A 483 -0.63 -12.53 -4.91
N TRP A 484 -0.60 -12.05 -6.15
CA TRP A 484 0.22 -10.88 -6.49
C TRP A 484 -0.27 -9.62 -5.80
N ILE A 485 -1.56 -9.57 -5.48
CA ILE A 485 -2.13 -8.45 -4.74
C ILE A 485 -1.46 -8.32 -3.37
N THR A 486 -1.32 -9.45 -2.68
CA THR A 486 -0.72 -9.50 -1.35
C THR A 486 0.77 -9.24 -1.42
N ARG A 487 1.42 -9.86 -2.41
CA ARG A 487 2.84 -9.68 -2.65
C ARG A 487 3.18 -8.22 -2.93
N PHE A 488 2.36 -7.61 -3.78
CA PHE A 488 2.50 -6.20 -4.10
C PHE A 488 2.42 -5.35 -2.83
N TYR A 489 1.41 -5.63 -2.01
CA TYR A 489 1.19 -4.85 -0.79
C TYR A 489 2.30 -4.94 0.24
N ILE A 490 2.79 -6.15 0.49
CA ILE A 490 3.82 -6.32 1.52
C ILE A 490 5.21 -5.87 1.02
N ILE A 491 5.42 -5.93 -0.30
CA ILE A 491 6.63 -5.34 -0.86
C ILE A 491 6.57 -3.83 -0.66
N GLY A 492 5.38 -3.25 -0.84
CA GLY A 492 5.16 -1.84 -0.57
C GLY A 492 5.42 -1.45 0.87
N LEU A 493 4.98 -2.28 1.80
CA LEU A 493 5.24 -2.06 3.23
C LEU A 493 6.73 -2.04 3.52
N PHE A 494 7.47 -2.91 2.86
CA PHE A 494 8.91 -2.93 3.05
C PHE A 494 9.54 -1.62 2.55
N LEU A 495 9.05 -1.12 1.41
CA LEU A 495 9.53 0.14 0.84
C LEU A 495 9.15 1.30 1.77
N PHE A 496 7.93 1.25 2.30
CA PHE A 496 7.47 2.27 3.26
C PHE A 496 8.35 2.34 4.52
N LEU A 497 8.73 1.17 5.03
CA LEU A 497 9.57 1.10 6.22
C LEU A 497 11.00 1.55 5.92
N THR A 498 11.51 1.20 4.75
CA THR A 498 12.82 1.67 4.31
C THR A 498 12.86 3.19 4.29
N PHE A 499 11.75 3.79 3.84
CA PHE A 499 11.58 5.23 3.82
C PHE A 499 11.56 5.81 5.24
N LEU A 500 10.88 5.15 6.17
CA LEU A 500 10.88 5.60 7.57
C LEU A 500 12.26 5.55 8.19
N VAL A 501 13.01 4.49 7.88
CA VAL A 501 14.38 4.36 8.35
C VAL A 501 15.22 5.48 7.77
N PHE A 502 14.99 5.80 6.50
CA PHE A 502 15.67 6.91 5.84
C PHE A 502 15.39 8.25 6.53
N LEU A 503 14.13 8.48 6.91
CA LEU A 503 13.78 9.72 7.60
C LEU A 503 14.42 9.78 8.99
N ALA A 504 14.57 8.62 9.61
CA ALA A 504 15.18 8.52 10.93
C ALA A 504 16.64 8.95 10.91
N GLU A 505 17.39 8.50 9.92
CA GLU A 505 18.80 8.85 9.83
C GLU A 505 18.98 10.31 9.39
N ARG A 506 18.01 10.81 8.63
CA ARG A 506 18.03 12.21 8.20
C ARG A 506 17.72 13.13 9.36
N ARG A 507 16.76 12.74 10.20
CA ARG A 507 16.43 13.50 11.39
C ARG A 507 17.61 13.57 12.34
N ARG A 508 18.31 12.44 12.47
CA ARG A 508 19.47 12.33 13.34
C ARG A 508 20.62 13.22 12.86
N ASN A 509 20.78 13.30 11.54
CA ASN A 509 21.81 14.17 10.96
C ASN A 509 21.53 15.64 11.22
N HIS A 510 20.25 16.00 11.29
CA HIS A 510 19.86 17.37 11.59
C HIS A 510 20.15 17.71 13.05
N GLU A 511 19.68 16.86 13.96
CA GLU A 511 19.91 17.06 15.38
C GLU A 511 21.29 16.55 15.79
N ARG B 5 14.80 29.68 -0.97
CA ARG B 5 13.86 28.98 -1.84
C ARG B 5 14.18 29.23 -3.31
N GLU B 6 14.05 28.19 -4.13
CA GLU B 6 14.22 28.31 -5.57
C GLU B 6 13.20 29.31 -6.12
N HIS B 7 13.55 29.93 -7.23
CA HIS B 7 12.67 30.87 -7.91
C HIS B 7 12.73 30.66 -9.41
N TRP B 8 11.66 31.04 -10.10
CA TRP B 8 11.70 31.11 -11.56
C TRP B 8 12.69 32.18 -11.98
N ALA B 9 13.57 31.85 -12.92
CA ALA B 9 14.61 32.79 -13.36
C ALA B 9 14.01 33.93 -14.17
N THR B 10 13.16 33.58 -15.13
CA THR B 10 12.57 34.57 -16.02
C THR B 10 11.05 34.49 -16.04
N ARG B 11 10.42 35.59 -16.41
CA ARG B 11 8.97 35.64 -16.56
C ARG B 11 8.49 34.70 -17.67
N LEU B 12 9.24 34.64 -18.77
CA LEU B 12 8.89 33.78 -19.90
C LEU B 12 8.94 32.30 -19.52
N GLY B 13 9.98 31.90 -18.81
CA GLY B 13 10.11 30.52 -18.36
C GLY B 13 8.97 30.12 -17.45
N LEU B 14 8.58 31.03 -16.57
CA LEU B 14 7.44 30.83 -15.68
C LEU B 14 6.15 30.58 -16.46
N ILE B 15 5.88 31.43 -17.44
CA ILE B 15 4.67 31.34 -18.23
C ILE B 15 4.65 30.06 -19.08
N LEU B 16 5.79 29.69 -19.63
CA LEU B 16 5.90 28.50 -20.46
C LEU B 16 5.80 27.21 -19.63
N ALA B 17 6.29 27.24 -18.40
CA ALA B 17 6.19 26.08 -17.50
C ALA B 17 4.73 25.85 -17.10
N MET B 18 4.04 26.94 -16.76
CA MET B 18 2.62 26.89 -16.39
C MET B 18 1.78 26.47 -17.59
N ALA B 19 2.06 27.05 -18.75
CA ALA B 19 1.36 26.69 -19.98
C ALA B 19 1.63 25.23 -20.34
N GLY B 20 2.87 24.79 -20.13
CA GLY B 20 3.24 23.42 -20.37
C GLY B 20 2.46 22.47 -19.47
N TYR B 21 2.23 22.88 -18.23
CA TYR B 21 1.42 22.07 -17.33
C TYR B 21 0.00 21.93 -17.86
N ALA B 22 -0.60 23.05 -18.27
CA ALA B 22 -1.98 23.07 -18.74
C ALA B 22 -2.18 22.36 -20.08
N VAL B 23 -1.22 22.53 -20.99
CA VAL B 23 -1.32 21.92 -22.31
C VAL B 23 -0.95 20.44 -22.28
N ASP B 24 -1.93 19.57 -22.46
CA ASP B 24 -1.68 18.13 -22.35
C ASP B 24 -2.40 17.39 -23.48
N LEU B 25 -2.51 16.07 -23.34
CA LEU B 25 -3.20 15.27 -24.36
C LEU B 25 -4.65 15.70 -24.55
N GLY B 26 -5.28 16.20 -23.49
CA GLY B 26 -6.64 16.67 -23.53
C GLY B 26 -6.88 17.78 -24.55
N ASN B 27 -5.90 18.68 -24.68
CA ASN B 27 -5.98 19.77 -25.64
C ASN B 27 -6.18 19.31 -27.07
N PHE B 28 -5.53 18.20 -27.42
CA PHE B 28 -5.51 17.73 -28.80
C PHE B 28 -6.54 16.63 -29.07
N LEU B 29 -7.13 16.10 -28.00
CA LEU B 29 -8.06 14.99 -28.14
C LEU B 29 -9.40 15.22 -27.43
N ARG B 30 -9.35 15.59 -26.16
CA ARG B 30 -10.57 15.70 -25.37
C ARG B 30 -11.44 16.88 -25.82
N PHE B 31 -10.85 18.06 -25.89
CA PHE B 31 -11.60 19.26 -26.29
C PHE B 31 -12.32 19.16 -27.65
N PRO B 32 -11.64 18.65 -28.69
CA PRO B 32 -12.39 18.61 -29.96
C PRO B 32 -13.60 17.69 -29.89
N VAL B 33 -13.45 16.55 -29.23
CA VAL B 33 -14.54 15.58 -29.12
C VAL B 33 -15.70 16.18 -28.30
N GLN B 34 -15.36 16.87 -27.23
CA GLN B 34 -16.36 17.54 -26.39
C GLN B 34 -17.13 18.60 -27.17
N ALA B 35 -16.40 19.34 -28.00
CA ALA B 35 -17.00 20.42 -28.79
C ALA B 35 -17.95 19.86 -29.84
N ALA B 36 -17.55 18.77 -30.47
CA ALA B 36 -18.35 18.15 -31.52
C ALA B 36 -19.65 17.55 -30.96
N GLU B 37 -19.57 17.06 -29.73
CA GLU B 37 -20.71 16.41 -29.09
C GLU B 37 -21.68 17.38 -28.41
N ASN B 38 -21.24 18.62 -28.21
CA ASN B 38 -22.04 19.56 -27.45
C ASN B 38 -22.30 20.89 -28.16
N GLY B 39 -22.62 20.83 -29.44
CA GLY B 39 -23.10 22.00 -30.15
C GLY B 39 -22.13 22.62 -31.15
N GLY B 40 -21.00 21.96 -31.37
CA GLY B 40 -20.01 22.45 -32.32
C GLY B 40 -19.52 23.85 -31.98
N GLY B 41 -19.76 24.79 -32.88
CA GLY B 41 -19.40 26.17 -32.66
C GLY B 41 -20.16 26.81 -31.52
N ALA B 42 -21.38 26.34 -31.30
CA ALA B 42 -22.23 26.85 -30.22
C ALA B 42 -21.64 26.52 -28.86
N PHE B 43 -20.81 25.49 -28.81
CA PHE B 43 -20.15 25.09 -27.56
C PHE B 43 -19.22 26.19 -27.04
N MET B 44 -18.81 27.09 -27.92
CA MET B 44 -17.91 28.18 -27.54
C MET B 44 -18.58 29.23 -26.66
N ILE B 45 -19.91 29.25 -26.65
CA ILE B 45 -20.64 30.18 -25.80
C ILE B 45 -20.50 29.78 -24.32
N PRO B 46 -20.90 28.56 -23.94
CA PRO B 46 -20.71 28.24 -22.52
C PRO B 46 -19.24 28.04 -22.16
N TYR B 47 -18.40 27.77 -23.16
CA TYR B 47 -16.98 27.54 -22.96
C TYR B 47 -16.26 28.81 -22.49
N ILE B 48 -16.49 29.91 -23.21
CA ILE B 48 -15.90 31.20 -22.88
C ILE B 48 -16.45 31.71 -21.55
N ILE B 49 -17.74 31.52 -21.35
CA ILE B 49 -18.41 31.91 -20.12
C ILE B 49 -17.83 31.16 -18.92
N ALA B 50 -17.64 29.86 -19.09
CA ALA B 50 -17.00 29.05 -18.06
C ALA B 50 -15.57 29.51 -17.81
N PHE B 51 -14.89 29.88 -18.89
CA PHE B 51 -13.52 30.38 -18.82
C PHE B 51 -13.46 31.68 -18.01
N LEU B 52 -14.43 32.56 -18.24
CA LEU B 52 -14.46 33.87 -17.58
C LEU B 52 -14.95 33.79 -16.13
N LEU B 53 -15.90 32.91 -15.86
CA LEU B 53 -16.54 32.87 -14.55
C LEU B 53 -15.94 31.82 -13.61
N VAL B 54 -15.25 30.82 -14.16
CA VAL B 54 -14.74 29.74 -13.33
C VAL B 54 -13.23 29.55 -13.47
N GLY B 55 -12.76 29.36 -14.71
CA GLY B 55 -11.37 29.05 -14.96
C GLY B 55 -10.39 30.12 -14.52
N ILE B 56 -10.52 31.31 -15.12
CA ILE B 56 -9.66 32.44 -14.78
C ILE B 56 -9.70 32.83 -13.30
N PRO B 57 -10.91 33.00 -12.70
CA PRO B 57 -10.92 33.37 -11.28
C PRO B 57 -10.17 32.38 -10.38
N LEU B 58 -10.44 31.09 -10.55
CA LEU B 58 -9.84 30.07 -9.70
C LEU B 58 -8.33 30.01 -9.92
N MET B 59 -7.92 30.13 -11.18
CA MET B 59 -6.51 30.12 -11.53
C MET B 59 -5.75 31.24 -10.85
N TRP B 60 -6.31 32.45 -10.85
CA TRP B 60 -5.71 33.58 -10.14
C TRP B 60 -5.57 33.27 -8.66
N ILE B 61 -6.61 32.66 -8.09
CA ILE B 61 -6.62 32.30 -6.69
C ILE B 61 -5.52 31.29 -6.36
N GLU B 62 -5.36 30.28 -7.20
CA GLU B 62 -4.32 29.28 -6.99
C GLU B 62 -2.92 29.88 -7.09
N TRP B 63 -2.71 30.79 -8.05
CA TRP B 63 -1.44 31.49 -8.13
C TRP B 63 -1.20 32.27 -6.84
N ALA B 64 -2.22 33.00 -6.39
CA ALA B 64 -2.11 33.82 -5.18
C ALA B 64 -1.82 32.99 -3.94
N MET B 65 -2.53 31.87 -3.81
CA MET B 65 -2.32 30.98 -2.68
C MET B 65 -0.90 30.44 -2.68
N GLY B 66 -0.41 30.07 -3.86
CA GLY B 66 0.93 29.54 -4.01
C GLY B 66 2.01 30.55 -3.69
N ARG B 67 1.89 31.74 -4.27
CA ARG B 67 2.88 32.78 -4.03
C ARG B 67 2.89 33.19 -2.56
N TYR B 68 1.70 33.24 -1.97
CA TYR B 68 1.57 33.55 -0.55
C TYR B 68 2.32 32.52 0.29
N GLY B 69 2.12 31.24 0.00
CA GLY B 69 2.78 30.19 0.75
C GLY B 69 4.27 30.15 0.52
N GLY B 70 4.69 30.32 -0.73
CA GLY B 70 6.09 30.31 -1.10
C GLY B 70 6.92 31.35 -0.37
N ALA B 71 6.32 32.50 -0.09
CA ALA B 71 7.02 33.56 0.64
C ALA B 71 7.37 33.11 2.05
N GLN B 72 6.64 32.13 2.56
CA GLN B 72 6.90 31.61 3.90
C GLN B 72 7.54 30.23 3.86
N GLY B 73 7.97 29.81 2.67
CA GLY B 73 8.71 28.57 2.52
C GLY B 73 7.87 27.32 2.36
N HIS B 74 6.62 27.48 1.93
CA HIS B 74 5.73 26.34 1.78
C HIS B 74 5.10 26.26 0.39
N GLY B 75 5.29 25.12 -0.28
CA GLY B 75 4.78 24.95 -1.62
C GLY B 75 3.54 24.07 -1.77
N THR B 76 3.12 23.42 -0.69
CA THR B 76 1.99 22.49 -0.76
C THR B 76 0.87 22.84 0.21
N THR B 77 -0.32 22.32 -0.09
CA THR B 77 -1.53 22.69 0.63
C THR B 77 -1.67 22.25 2.10
N PRO B 78 -0.93 21.22 2.55
CA PRO B 78 -1.08 20.99 3.99
C PRO B 78 -0.60 22.19 4.82
N ALA B 79 0.54 22.77 4.46
CA ALA B 79 1.05 23.93 5.17
C ALA B 79 0.31 25.21 4.78
N ILE B 80 0.01 25.36 3.49
CA ILE B 80 -0.61 26.57 2.98
C ILE B 80 -2.03 26.78 3.49
N PHE B 81 -2.83 25.72 3.48
CA PHE B 81 -4.19 25.78 4.03
C PHE B 81 -4.14 26.17 5.51
N TYR B 82 -3.12 25.69 6.20
CA TYR B 82 -2.94 25.96 7.62
C TYR B 82 -2.58 27.42 7.87
N LEU B 83 -1.87 28.02 6.92
CA LEU B 83 -1.50 29.43 7.00
C LEU B 83 -2.72 30.32 6.80
N LEU B 84 -3.63 29.87 5.94
CA LEU B 84 -4.84 30.62 5.63
C LEU B 84 -5.93 30.37 6.67
N TRP B 85 -5.79 29.26 7.38
CA TRP B 85 -6.80 28.82 8.34
C TRP B 85 -6.15 27.94 9.38
N ARG B 86 -5.77 28.54 10.52
CA ARG B 86 -5.09 27.79 11.57
C ARG B 86 -6.03 26.85 12.29
N ASN B 87 -6.23 25.68 11.68
CA ASN B 87 -7.10 24.66 12.22
C ASN B 87 -6.54 23.30 11.82
N ARG B 88 -6.73 22.29 12.67
CA ARG B 88 -6.23 20.96 12.37
C ARG B 88 -6.89 20.40 11.11
N PHE B 89 -8.18 20.72 10.93
CA PHE B 89 -8.95 20.22 9.80
C PHE B 89 -8.43 20.79 8.49
N ALA B 90 -7.74 21.92 8.57
CA ALA B 90 -7.16 22.54 7.37
C ALA B 90 -5.99 21.70 6.85
N LYS B 91 -5.18 21.18 7.77
CA LYS B 91 -4.05 20.33 7.39
C LYS B 91 -4.49 19.03 6.73
N ILE B 92 -5.53 18.41 7.27
CA ILE B 92 -6.08 17.16 6.72
C ILE B 92 -6.69 17.40 5.34
N LEU B 93 -7.44 18.48 5.21
CA LEU B 93 -7.99 18.86 3.91
C LEU B 93 -6.86 19.13 2.93
N GLY B 94 -5.77 19.67 3.45
CA GLY B 94 -4.59 19.99 2.66
C GLY B 94 -3.89 18.77 2.10
N VAL B 95 -4.04 17.64 2.79
CA VAL B 95 -3.46 16.37 2.35
C VAL B 95 -3.98 15.96 0.95
N PHE B 96 -5.23 16.30 0.65
CA PHE B 96 -5.82 15.97 -0.65
C PHE B 96 -5.06 16.61 -1.81
N GLY B 97 -4.53 17.80 -1.58
CA GLY B 97 -3.75 18.53 -2.56
C GLY B 97 -2.37 17.93 -2.76
N LEU B 98 -2.09 16.90 -1.98
CA LEU B 98 -0.86 16.15 -2.14
C LEU B 98 -1.22 14.77 -2.69
N TRP B 99 -2.38 14.27 -2.24
CA TRP B 99 -2.87 12.97 -2.64
C TRP B 99 -3.33 12.93 -4.08
N ILE B 100 -4.14 13.92 -4.47
CA ILE B 100 -4.65 14.00 -5.83
C ILE B 100 -3.55 13.98 -6.89
N PRO B 101 -2.53 14.86 -6.76
CA PRO B 101 -1.52 14.78 -7.82
C PRO B 101 -0.67 13.51 -7.76
N LEU B 102 -0.54 12.92 -6.58
CA LEU B 102 0.20 11.67 -6.46
C LEU B 102 -0.53 10.51 -7.16
N VAL B 103 -1.84 10.41 -6.96
CA VAL B 103 -2.63 9.35 -7.58
C VAL B 103 -2.66 9.50 -9.10
N VAL B 104 -2.77 10.73 -9.57
CA VAL B 104 -2.77 11.00 -11.00
C VAL B 104 -1.46 10.55 -11.64
N ALA B 105 -0.34 10.87 -10.97
CA ALA B 105 0.98 10.49 -11.44
C ALA B 105 1.12 8.99 -11.61
N ILE B 106 0.48 8.25 -10.70
CA ILE B 106 0.56 6.80 -10.67
C ILE B 106 -0.01 6.15 -11.94
N TYR B 107 -0.98 6.80 -12.60
CA TYR B 107 -1.44 6.29 -13.89
C TYR B 107 -1.02 7.14 -15.10
N TYR B 108 -0.84 8.45 -14.92
CA TYR B 108 -0.63 9.32 -16.06
C TYR B 108 0.74 9.16 -16.71
N VAL B 109 1.79 8.97 -15.90
CA VAL B 109 3.12 8.80 -16.45
C VAL B 109 3.18 7.54 -17.30
N TYR B 110 2.42 6.53 -16.91
CA TYR B 110 2.32 5.31 -17.68
C TYR B 110 1.67 5.56 -19.05
N ILE B 111 0.57 6.30 -19.06
CA ILE B 111 -0.10 6.64 -20.32
C ILE B 111 0.83 7.49 -21.20
N GLU B 112 1.52 8.43 -20.58
CA GLU B 112 2.54 9.24 -21.25
C GLU B 112 3.60 8.36 -21.91
N SER B 113 3.98 7.28 -21.22
CA SER B 113 4.98 6.36 -21.75
C SER B 113 4.49 5.66 -23.02
N TRP B 114 3.16 5.49 -23.16
CA TRP B 114 2.61 4.86 -24.36
C TRP B 114 2.91 5.69 -25.62
N THR B 115 2.82 7.01 -25.50
CA THR B 115 3.04 7.90 -26.64
C THR B 115 4.49 7.85 -27.10
N LEU B 116 5.42 7.78 -26.15
CA LEU B 116 6.82 7.64 -26.52
C LEU B 116 7.02 6.29 -27.22
N GLY B 117 6.41 5.26 -26.66
CA GLY B 117 6.48 3.92 -27.24
C GLY B 117 5.93 3.86 -28.64
N PHE B 118 4.79 4.52 -28.87
CA PHE B 118 4.19 4.56 -30.20
C PHE B 118 5.03 5.39 -31.18
N ALA B 119 5.63 6.48 -30.69
CA ALA B 119 6.47 7.34 -31.53
C ALA B 119 7.67 6.55 -32.03
N ILE B 120 8.29 5.80 -31.13
CA ILE B 120 9.41 4.94 -31.48
C ILE B 120 9.01 3.87 -32.51
N LYS B 121 7.90 3.17 -32.26
CA LYS B 121 7.44 2.11 -33.16
C LYS B 121 7.13 2.62 -34.57
N PHE B 122 6.53 3.80 -34.66
CA PHE B 122 6.22 4.39 -35.96
C PHE B 122 7.50 4.73 -36.71
N LEU B 123 8.41 5.41 -36.02
CA LEU B 123 9.66 5.87 -36.60
C LEU B 123 10.47 4.75 -37.23
N VAL B 124 10.59 3.62 -36.54
CA VAL B 124 11.37 2.49 -37.04
C VAL B 124 10.48 1.51 -37.82
N GLY B 125 9.20 1.85 -37.95
CA GLY B 125 8.29 1.09 -38.79
C GLY B 125 7.74 -0.21 -38.21
N LEU B 126 7.81 -0.36 -36.88
CA LEU B 126 7.26 -1.54 -36.22
C LEU B 126 5.78 -1.38 -35.95
N VAL B 127 5.03 -0.96 -36.97
CA VAL B 127 3.60 -0.72 -36.84
C VAL B 127 2.86 -1.53 -37.90
N PRO B 128 1.57 -1.83 -37.66
CA PRO B 128 0.81 -2.61 -38.64
C PRO B 128 0.67 -1.88 -39.98
N GLU B 129 0.40 -2.65 -41.03
CA GLU B 129 0.23 -2.06 -42.36
C GLU B 129 -0.91 -2.72 -43.10
N PRO B 130 -2.14 -2.24 -42.87
CA PRO B 130 -3.30 -2.78 -43.57
C PRO B 130 -3.31 -2.31 -45.03
N PRO B 131 -4.10 -2.94 -45.92
CA PRO B 131 -5.03 -4.09 -45.79
C PRO B 131 -4.40 -5.34 -45.20
N THR B 135 -9.80 -0.54 -48.27
CA THR B 135 -10.96 -1.41 -48.28
C THR B 135 -12.09 -0.83 -47.44
N ASP B 136 -12.40 -1.49 -46.32
CA ASP B 136 -13.45 -1.03 -45.43
C ASP B 136 -12.83 -0.55 -44.13
N PRO B 137 -13.50 0.41 -43.44
CA PRO B 137 -12.98 1.03 -42.22
C PRO B 137 -12.50 0.04 -41.16
N ASP B 138 -13.29 -0.99 -40.87
CA ASP B 138 -12.92 -1.95 -39.84
C ASP B 138 -11.68 -2.74 -40.23
N SER B 139 -11.43 -2.88 -41.53
CA SER B 139 -10.26 -3.59 -42.01
C SER B 139 -8.99 -2.79 -41.75
N ILE B 140 -9.16 -1.49 -41.59
CA ILE B 140 -8.04 -0.58 -41.34
C ILE B 140 -7.85 -0.31 -39.85
N LEU B 141 -8.96 -0.18 -39.13
CA LEU B 141 -8.92 0.13 -37.71
C LEU B 141 -8.46 -1.04 -36.85
N ARG B 142 -9.00 -2.22 -37.11
CA ARG B 142 -8.76 -3.40 -36.28
C ARG B 142 -7.28 -3.76 -36.07
N PRO B 143 -6.45 -3.73 -37.14
CA PRO B 143 -5.04 -4.04 -36.88
C PRO B 143 -4.36 -3.08 -35.90
N PHE B 144 -4.85 -1.85 -35.81
CA PHE B 144 -4.30 -0.87 -34.87
C PHE B 144 -4.95 -1.00 -33.49
N LYS B 145 -6.20 -1.44 -33.47
CA LYS B 145 -6.85 -1.78 -32.22
C LYS B 145 -6.04 -2.89 -31.54
N GLU B 146 -5.67 -3.90 -32.33
CA GLU B 146 -4.90 -5.03 -31.84
C GLU B 146 -3.48 -4.64 -31.47
N PHE B 147 -2.90 -3.72 -32.23
CA PHE B 147 -1.58 -3.21 -31.93
C PHE B 147 -1.55 -2.57 -30.54
N LEU B 148 -2.54 -1.73 -30.26
CA LEU B 148 -2.68 -1.08 -28.98
C LEU B 148 -2.95 -2.08 -27.85
N TYR B 149 -3.85 -3.03 -28.11
CA TYR B 149 -4.20 -4.03 -27.10
C TYR B 149 -3.01 -4.92 -26.74
N SER B 150 -2.14 -5.20 -27.72
CA SER B 150 -0.97 -6.03 -27.48
C SER B 150 0.10 -5.26 -26.72
N TYR B 151 0.12 -3.94 -26.93
CA TYR B 151 1.05 -3.06 -26.25
C TYR B 151 0.69 -2.97 -24.78
N ILE B 152 -0.59 -2.71 -24.52
CA ILE B 152 -1.11 -2.56 -23.16
C ILE B 152 -1.27 -3.93 -22.48
N GLY B 153 -1.55 -4.96 -23.26
CA GLY B 153 -1.79 -6.28 -22.72
C GLY B 153 -3.21 -6.41 -22.22
N VAL B 154 -4.15 -5.85 -22.98
CA VAL B 154 -5.57 -5.94 -22.69
C VAL B 154 -5.97 -7.40 -22.55
N PRO B 155 -6.75 -7.73 -21.50
CA PRO B 155 -7.17 -9.11 -21.24
C PRO B 155 -7.86 -9.75 -22.45
N LYS B 156 -7.44 -10.98 -22.78
CA LYS B 156 -8.07 -11.74 -23.84
C LYS B 156 -9.11 -12.70 -23.26
N GLY B 157 -9.07 -12.89 -21.94
CA GLY B 157 -10.02 -13.76 -21.24
C GLY B 157 -10.97 -13.03 -20.31
N ASP B 158 -11.43 -13.73 -19.27
CA ASP B 158 -12.36 -13.13 -18.30
C ASP B 158 -11.62 -12.54 -17.10
N GLU B 159 -10.34 -12.85 -16.97
CA GLU B 159 -9.53 -12.31 -15.88
C GLU B 159 -9.24 -10.84 -16.13
N PRO B 160 -9.27 -10.02 -15.07
CA PRO B 160 -9.00 -8.58 -15.16
C PRO B 160 -7.51 -8.29 -15.10
N ILE B 161 -6.72 -9.17 -15.74
CA ILE B 161 -5.28 -9.07 -15.71
C ILE B 161 -4.70 -8.49 -17.00
N LEU B 162 -3.89 -7.45 -16.86
CA LEU B 162 -3.15 -6.90 -17.97
C LEU B 162 -1.77 -7.54 -18.04
N LYS B 163 -1.25 -7.66 -19.26
CA LYS B 163 0.10 -8.16 -19.47
C LYS B 163 0.82 -7.28 -20.49
N PRO B 164 1.38 -6.16 -20.01
CA PRO B 164 2.09 -5.22 -20.90
C PRO B 164 3.24 -5.90 -21.61
N SER B 165 3.51 -5.52 -22.85
CA SER B 165 4.65 -6.07 -23.57
C SER B 165 5.92 -5.64 -22.86
N LEU B 166 7.02 -6.36 -23.10
CA LEU B 166 8.30 -5.96 -22.53
C LEU B 166 8.71 -4.58 -23.03
N PHE B 167 8.36 -4.28 -24.28
CA PHE B 167 8.66 -2.98 -24.87
C PHE B 167 7.97 -1.86 -24.09
N ALA B 168 6.67 -2.02 -23.83
CA ALA B 168 5.91 -1.04 -23.07
C ALA B 168 6.50 -0.81 -21.67
N TYR B 169 6.99 -1.89 -21.05
CA TYR B 169 7.54 -1.80 -19.70
C TYR B 169 8.87 -1.05 -19.70
N ILE B 170 9.73 -1.36 -20.68
CA ILE B 170 11.01 -0.70 -20.79
C ILE B 170 10.84 0.79 -21.11
N VAL B 171 9.89 1.10 -21.97
CA VAL B 171 9.60 2.48 -22.31
C VAL B 171 9.06 3.24 -21.10
N PHE B 172 8.29 2.56 -20.26
CA PHE B 172 7.82 3.17 -19.02
C PHE B 172 9.01 3.53 -18.11
N LEU B 173 9.99 2.63 -18.04
CA LEU B 173 11.21 2.88 -17.28
C LEU B 173 11.95 4.11 -17.81
N ILE B 174 12.11 4.16 -19.12
CA ILE B 174 12.76 5.29 -19.78
C ILE B 174 12.00 6.59 -19.54
N THR B 175 10.68 6.52 -19.59
CA THR B 175 9.84 7.70 -19.35
C THR B 175 10.04 8.25 -17.94
N MET B 176 10.13 7.36 -16.96
CA MET B 176 10.39 7.74 -15.58
C MET B 176 11.77 8.38 -15.46
N PHE B 177 12.74 7.78 -16.16
CA PHE B 177 14.10 8.32 -16.18
C PHE B 177 14.14 9.74 -16.75
N ILE B 178 13.42 9.97 -17.84
CA ILE B 178 13.36 11.30 -18.46
C ILE B 178 12.73 12.33 -17.52
N ASN B 179 11.63 11.96 -16.86
CA ASN B 179 11.02 12.84 -15.87
C ASN B 179 11.99 13.18 -14.73
N VAL B 180 12.70 12.16 -14.23
CA VAL B 180 13.64 12.35 -13.14
C VAL B 180 14.79 13.27 -13.58
N SER B 181 15.32 13.01 -14.78
CA SER B 181 16.41 13.81 -15.33
C SER B 181 16.09 15.30 -15.31
N ILE B 182 14.84 15.64 -15.64
CA ILE B 182 14.43 17.03 -15.61
C ILE B 182 14.22 17.49 -14.16
N LEU B 183 13.43 16.76 -13.39
CA LEU B 183 13.05 17.17 -12.03
C LEU B 183 14.21 17.32 -11.08
N ILE B 184 15.20 16.44 -11.19
CA ILE B 184 16.34 16.45 -10.28
C ILE B 184 17.23 17.68 -10.46
N ARG B 185 17.05 18.40 -11.56
CA ARG B 185 17.79 19.63 -11.80
C ARG B 185 17.06 20.85 -11.25
N GLY B 186 15.83 20.65 -10.77
CA GLY B 186 15.13 21.72 -10.08
C GLY B 186 14.20 22.57 -10.92
N ILE B 187 13.83 23.71 -10.37
CA ILE B 187 12.89 24.62 -11.01
C ILE B 187 13.50 25.39 -12.19
N SER B 188 14.54 26.19 -11.92
CA SER B 188 15.08 27.07 -12.96
C SER B 188 15.96 26.31 -13.96
N LYS B 189 16.85 25.46 -13.44
CA LYS B 189 17.76 24.72 -14.31
C LYS B 189 17.16 23.42 -14.85
N GLY B 190 16.01 23.04 -14.33
CA GLY B 190 15.36 21.81 -14.78
C GLY B 190 14.04 22.05 -15.49
N ILE B 191 12.99 22.33 -14.72
CA ILE B 191 11.66 22.52 -15.29
C ILE B 191 11.58 23.74 -16.20
N GLU B 192 12.15 24.87 -15.76
CA GLU B 192 12.11 26.10 -16.55
C GLU B 192 12.92 25.97 -17.85
N ARG B 193 14.11 25.41 -17.73
CA ARG B 193 14.97 25.16 -18.88
C ARG B 193 14.28 24.28 -19.91
N PHE B 194 13.63 23.20 -19.43
CA PHE B 194 12.96 22.28 -20.34
C PHE B 194 11.73 22.90 -21.01
N ALA B 195 11.01 23.75 -20.27
CA ALA B 195 9.84 24.43 -20.82
C ALA B 195 10.19 25.30 -22.04
N LYS B 196 11.35 25.94 -21.99
CA LYS B 196 11.78 26.82 -23.08
C LYS B 196 12.18 26.05 -24.33
N ILE B 197 12.43 24.75 -24.17
CA ILE B 197 12.71 23.89 -25.31
C ILE B 197 11.44 23.21 -25.79
N ALA B 198 10.65 22.71 -24.85
CA ALA B 198 9.50 21.86 -25.14
C ALA B 198 8.29 22.59 -25.73
N MET B 199 7.98 23.76 -25.19
CA MET B 199 6.83 24.52 -25.70
C MET B 199 7.05 25.02 -27.14
N PRO B 200 8.23 25.61 -27.45
CA PRO B 200 8.42 25.94 -28.86
C PRO B 200 8.43 24.69 -29.76
N THR B 201 9.04 23.61 -29.28
CA THR B 201 9.02 22.35 -30.02
C THR B 201 7.59 21.84 -30.24
N LEU B 202 6.77 21.99 -29.21
CA LEU B 202 5.36 21.59 -29.27
C LEU B 202 4.63 22.40 -30.34
N PHE B 203 4.85 23.71 -30.32
CA PHE B 203 4.21 24.60 -31.27
C PHE B 203 4.58 24.25 -32.71
N ILE B 204 5.87 23.99 -32.94
CA ILE B 204 6.35 23.66 -34.29
C ILE B 204 5.77 22.33 -34.79
N LEU B 205 5.76 21.32 -33.92
CA LEU B 205 5.19 20.02 -34.27
C LEU B 205 3.72 20.15 -34.66
N ALA B 206 2.98 20.93 -33.88
CA ALA B 206 1.55 21.10 -34.08
C ALA B 206 1.24 21.81 -35.40
N VAL B 207 1.95 22.92 -35.64
CA VAL B 207 1.73 23.73 -36.84
C VAL B 207 2.01 22.91 -38.10
N PHE B 208 3.09 22.14 -38.08
CA PHE B 208 3.39 21.22 -39.17
C PHE B 208 2.27 20.21 -39.38
N LEU B 209 1.71 19.70 -38.28
CA LEU B 209 0.61 18.75 -38.35
C LEU B 209 -0.66 19.40 -38.88
N VAL B 210 -0.96 20.60 -38.41
CA VAL B 210 -2.15 21.33 -38.87
C VAL B 210 -2.09 21.56 -40.38
N ILE B 211 -0.93 22.03 -40.85
CA ILE B 211 -0.72 22.29 -42.27
C ILE B 211 -0.86 21.02 -43.10
N ARG B 212 -0.24 19.94 -42.65
CA ARG B 212 -0.32 18.69 -43.39
C ARG B 212 -1.74 18.13 -43.40
N VAL B 213 -2.45 18.28 -42.29
CA VAL B 213 -3.84 17.83 -42.21
C VAL B 213 -4.73 18.65 -43.14
N PHE B 214 -4.45 19.95 -43.25
CA PHE B 214 -5.24 20.82 -44.11
C PHE B 214 -5.08 20.51 -45.59
N LEU B 215 -4.05 19.73 -45.93
CA LEU B 215 -3.79 19.36 -47.32
C LEU B 215 -4.37 17.98 -47.64
N LEU B 216 -4.88 17.29 -46.62
CA LEU B 216 -5.46 15.96 -46.83
C LEU B 216 -6.68 15.97 -47.73
N GLU B 217 -6.65 15.12 -48.75
CA GLU B 217 -7.81 14.92 -49.62
C GLU B 217 -7.99 13.45 -49.94
N THR B 218 -9.17 12.93 -49.64
CA THR B 218 -9.49 11.54 -49.89
C THR B 218 -10.80 11.49 -50.66
N PRO B 219 -11.13 10.33 -51.24
CA PRO B 219 -12.46 10.20 -51.87
C PRO B 219 -13.62 10.43 -50.90
N ASN B 220 -13.39 10.24 -49.61
CA ASN B 220 -14.44 10.38 -48.61
C ASN B 220 -14.61 11.80 -48.08
N GLY B 221 -13.63 12.66 -48.31
CA GLY B 221 -13.73 14.04 -47.87
C GLY B 221 -12.43 14.80 -47.73
N THR B 222 -12.51 15.98 -47.13
CA THR B 222 -11.35 16.85 -46.92
C THR B 222 -11.30 17.37 -45.49
N ALA B 223 -10.20 18.05 -45.16
CA ALA B 223 -10.03 18.65 -43.84
C ALA B 223 -11.06 19.74 -43.60
N ALA B 224 -11.41 20.46 -44.66
CA ALA B 224 -12.44 21.49 -44.61
C ALA B 224 -13.77 20.92 -44.11
N ASP B 225 -14.11 19.70 -44.54
CA ASP B 225 -15.31 19.03 -44.07
C ASP B 225 -15.20 18.79 -42.57
N GLY B 226 -14.00 18.48 -42.11
CA GLY B 226 -13.75 18.25 -40.70
C GLY B 226 -13.89 19.52 -39.89
N LEU B 227 -13.27 20.60 -40.37
CA LEU B 227 -13.40 21.90 -39.72
C LEU B 227 -14.84 22.37 -39.74
N ASN B 228 -15.54 22.07 -40.83
CA ASN B 228 -16.96 22.36 -40.96
C ASN B 228 -17.79 21.68 -39.86
N PHE B 229 -17.79 20.34 -39.86
CA PHE B 229 -18.54 19.56 -38.88
C PHE B 229 -18.30 19.99 -37.44
N LEU B 230 -17.04 20.32 -37.13
CA LEU B 230 -16.66 20.68 -35.78
C LEU B 230 -17.17 22.05 -35.35
N TRP B 231 -17.16 23.02 -36.27
CA TRP B 231 -17.45 24.40 -35.90
C TRP B 231 -18.83 24.91 -36.30
N THR B 232 -19.57 24.14 -37.10
CA THR B 232 -20.96 24.50 -37.39
C THR B 232 -21.78 24.44 -36.11
N PRO B 233 -22.36 25.59 -35.72
CA PRO B 233 -23.07 25.71 -34.44
C PRO B 233 -24.38 24.93 -34.39
N ASP B 234 -24.67 24.36 -33.23
CA ASP B 234 -25.96 23.74 -32.96
C ASP B 234 -26.50 24.34 -31.66
N PHE B 235 -27.15 25.50 -31.79
CA PHE B 235 -27.60 26.28 -30.63
C PHE B 235 -28.70 25.58 -29.84
N GLU B 236 -29.29 24.55 -30.42
CA GLU B 236 -30.38 23.83 -29.76
C GLU B 236 -29.84 23.01 -28.59
N LYS B 237 -28.56 22.67 -28.63
CA LYS B 237 -27.93 21.92 -27.56
C LYS B 237 -27.65 22.79 -26.35
N LEU B 238 -27.70 24.11 -26.54
CA LEU B 238 -27.46 25.05 -25.45
C LEU B 238 -28.56 24.98 -24.39
N LYS B 239 -29.70 24.42 -24.76
CA LYS B 239 -30.78 24.19 -23.81
C LYS B 239 -30.38 23.14 -22.77
N ASP B 240 -29.62 22.14 -23.22
CA ASP B 240 -29.18 21.05 -22.36
C ASP B 240 -28.24 21.55 -21.28
N PRO B 241 -28.61 21.36 -20.01
CA PRO B 241 -27.75 21.71 -18.88
C PRO B 241 -26.44 20.93 -18.88
N GLY B 242 -26.46 19.72 -19.42
CA GLY B 242 -25.28 18.88 -19.48
C GLY B 242 -24.21 19.45 -20.41
N VAL B 243 -24.61 20.34 -21.30
CA VAL B 243 -23.68 21.00 -22.19
C VAL B 243 -22.93 22.10 -21.43
N TRP B 244 -23.66 22.75 -20.52
CA TRP B 244 -23.06 23.77 -19.67
C TRP B 244 -22.17 23.13 -18.59
N ILE B 245 -22.57 21.95 -18.12
CA ILE B 245 -21.75 21.18 -17.20
C ILE B 245 -20.48 20.74 -17.91
N ALA B 246 -20.64 20.28 -19.15
CA ALA B 246 -19.51 19.84 -19.95
C ALA B 246 -18.51 20.97 -20.16
N ALA B 247 -19.01 22.19 -20.34
CA ALA B 247 -18.16 23.35 -20.57
C ALA B 247 -17.36 23.73 -19.33
N VAL B 248 -18.04 23.82 -18.19
CA VAL B 248 -17.39 24.14 -16.93
C VAL B 248 -16.36 23.05 -16.59
N GLY B 249 -16.74 21.81 -16.84
CA GLY B 249 -15.86 20.68 -16.64
C GLY B 249 -14.66 20.72 -17.56
N GLN B 250 -14.91 20.99 -18.84
CA GLN B 250 -13.84 21.05 -19.82
C GLN B 250 -12.81 22.12 -19.46
N ILE B 251 -13.30 23.32 -19.11
CA ILE B 251 -12.44 24.43 -18.71
C ILE B 251 -11.62 24.08 -17.48
N PHE B 252 -12.28 23.50 -16.49
CA PHE B 252 -11.65 23.14 -15.23
C PHE B 252 -10.48 22.18 -15.42
N PHE B 253 -10.70 21.15 -16.25
CA PHE B 253 -9.66 20.15 -16.50
C PHE B 253 -8.57 20.64 -17.46
N SER B 254 -8.97 21.44 -18.44
CA SER B 254 -8.01 21.94 -19.42
C SER B 254 -6.96 22.85 -18.80
N LEU B 255 -7.36 23.60 -17.78
CA LEU B 255 -6.43 24.47 -17.05
C LEU B 255 -5.74 23.74 -15.92
N GLY B 256 -6.20 22.53 -15.61
CA GLY B 256 -5.61 21.73 -14.55
C GLY B 256 -5.79 22.31 -13.15
N LEU B 257 -6.91 22.99 -12.93
CA LEU B 257 -7.22 23.55 -11.63
C LEU B 257 -7.58 22.44 -10.64
N GLY B 258 -7.32 22.68 -9.35
CA GLY B 258 -7.70 21.75 -8.31
C GLY B 258 -6.77 20.56 -8.15
N PHE B 259 -5.65 20.57 -8.86
CA PHE B 259 -4.70 19.45 -8.84
C PHE B 259 -3.49 19.68 -7.95
N GLY B 260 -3.33 20.90 -7.44
CA GLY B 260 -2.23 21.23 -6.55
C GLY B 260 -0.96 21.65 -7.27
N ALA B 261 -0.86 21.27 -8.54
CA ALA B 261 0.34 21.58 -9.32
C ALA B 261 0.57 23.08 -9.51
N ILE B 262 -0.50 23.81 -9.81
CA ILE B 262 -0.42 25.26 -10.03
C ILE B 262 0.02 25.98 -8.77
N ILE B 263 -0.54 25.58 -7.64
CA ILE B 263 -0.19 26.20 -6.37
C ILE B 263 1.29 26.03 -6.10
N THR B 264 1.79 24.81 -6.28
CA THR B 264 3.21 24.53 -6.06
C THR B 264 4.13 25.33 -6.99
N PHE B 265 3.80 25.41 -8.27
CA PHE B 265 4.60 26.20 -9.20
C PHE B 265 4.60 27.68 -8.79
N ALA B 266 3.45 28.19 -8.40
CA ALA B 266 3.33 29.58 -7.99
C ALA B 266 4.13 29.89 -6.73
N SER B 267 4.45 28.87 -5.94
CA SER B 267 5.20 29.07 -4.71
C SER B 267 6.67 29.38 -4.99
N TYR B 268 7.08 29.24 -6.25
CA TYR B 268 8.43 29.60 -6.66
C TYR B 268 8.46 30.98 -7.32
N VAL B 269 7.31 31.65 -7.33
CA VAL B 269 7.25 33.05 -7.75
C VAL B 269 7.59 33.95 -6.56
N ARG B 270 8.46 34.93 -6.78
CA ARG B 270 8.91 35.84 -5.71
C ARG B 270 7.74 36.63 -5.13
N LYS B 271 7.92 37.11 -3.90
CA LYS B 271 6.83 37.70 -3.12
C LYS B 271 6.02 38.77 -3.84
N ASP B 272 6.68 39.68 -4.55
CA ASP B 272 6.00 40.81 -5.16
C ASP B 272 5.97 40.77 -6.69
N GLN B 273 6.39 39.65 -7.26
CA GLN B 273 6.37 39.45 -8.71
C GLN B 273 4.92 39.25 -9.21
N ASP B 274 4.62 39.80 -10.38
CA ASP B 274 3.27 39.74 -10.95
C ASP B 274 2.74 38.31 -11.16
N ILE B 275 1.46 38.10 -10.88
CA ILE B 275 0.82 36.82 -11.15
C ILE B 275 -0.46 37.02 -11.95
N VAL B 276 -1.01 38.23 -11.92
CA VAL B 276 -2.25 38.53 -12.61
C VAL B 276 -2.11 38.43 -14.12
N LEU B 277 -1.11 39.11 -14.68
CA LEU B 277 -0.89 39.09 -16.12
C LEU B 277 -0.25 37.77 -16.56
N SER B 278 0.71 37.30 -15.77
CA SER B 278 1.38 36.04 -16.05
C SER B 278 0.38 34.89 -16.10
N GLY B 279 -0.51 34.86 -15.11
CA GLY B 279 -1.53 33.84 -15.04
C GLY B 279 -2.50 33.90 -16.20
N LEU B 280 -2.98 35.10 -16.50
CA LEU B 280 -3.87 35.31 -17.64
C LEU B 280 -3.24 34.87 -18.96
N THR B 281 -1.94 35.11 -19.09
CA THR B 281 -1.22 34.75 -20.30
C THR B 281 -1.09 33.23 -20.45
N ALA B 282 -0.74 32.56 -19.35
CA ALA B 282 -0.60 31.11 -19.38
C ALA B 282 -1.92 30.44 -19.76
N ALA B 283 -3.01 30.94 -19.18
CA ALA B 283 -4.34 30.43 -19.50
C ALA B 283 -4.69 30.66 -20.97
N THR B 284 -4.28 31.81 -21.49
CA THR B 284 -4.55 32.16 -22.88
C THR B 284 -3.83 31.20 -23.83
N LEU B 285 -2.57 30.93 -23.55
CA LEU B 285 -1.80 29.97 -24.34
C LEU B 285 -2.48 28.62 -24.38
N ASN B 286 -2.96 28.17 -23.22
CA ASN B 286 -3.67 26.90 -23.14
C ASN B 286 -4.91 26.88 -24.02
N GLU B 287 -5.67 27.96 -24.01
CA GLU B 287 -6.87 28.05 -24.83
C GLU B 287 -6.55 28.07 -26.32
N LYS B 288 -5.52 28.83 -26.69
CA LYS B 288 -5.10 28.92 -28.08
C LYS B 288 -4.64 27.56 -28.58
N ALA B 289 -3.80 26.89 -27.79
CA ALA B 289 -3.34 25.55 -28.13
C ALA B 289 -4.52 24.59 -28.22
N GLU B 290 -5.55 24.87 -27.46
CA GLU B 290 -6.75 24.03 -27.41
C GLU B 290 -7.65 24.18 -28.65
N VAL B 291 -8.17 25.39 -28.87
CA VAL B 291 -9.15 25.58 -29.94
C VAL B 291 -8.50 25.73 -31.33
N ILE B 292 -7.32 26.33 -31.40
CA ILE B 292 -6.68 26.55 -32.70
C ILE B 292 -5.97 25.28 -33.17
N LEU B 293 -5.03 24.79 -32.37
CA LEU B 293 -4.21 23.67 -32.78
C LEU B 293 -4.92 22.33 -32.58
N GLY B 294 -5.47 22.13 -31.39
CA GLY B 294 -6.13 20.89 -31.07
C GLY B 294 -7.34 20.61 -31.96
N GLY B 295 -8.13 21.65 -32.20
CA GLY B 295 -9.32 21.49 -33.02
C GLY B 295 -9.04 21.34 -34.51
N SER B 296 -7.81 21.60 -34.94
CA SER B 296 -7.47 21.62 -36.36
C SER B 296 -6.79 20.35 -36.84
N ILE B 297 -6.43 19.45 -35.93
CA ILE B 297 -5.69 18.26 -36.32
C ILE B 297 -6.52 16.97 -36.33
N SER B 298 -6.88 16.48 -35.14
CA SER B 298 -7.47 15.14 -34.98
C SER B 298 -8.82 14.94 -35.68
N ILE B 299 -9.79 15.81 -35.39
CA ILE B 299 -11.12 15.67 -36.01
C ILE B 299 -11.13 15.96 -37.52
N PRO B 300 -10.51 17.06 -37.97
CA PRO B 300 -10.48 17.25 -39.43
C PRO B 300 -9.81 16.09 -40.18
N ALA B 301 -8.77 15.49 -39.60
CA ALA B 301 -8.11 14.36 -40.23
C ALA B 301 -9.02 13.14 -40.29
N ALA B 302 -9.72 12.88 -39.19
CA ALA B 302 -10.61 11.73 -39.11
C ALA B 302 -11.77 11.86 -40.09
N VAL B 303 -12.35 13.06 -40.16
CA VAL B 303 -13.47 13.32 -41.06
C VAL B 303 -13.02 13.31 -42.53
N ALA B 304 -11.82 13.81 -42.79
CA ALA B 304 -11.27 13.81 -44.14
C ALA B 304 -11.13 12.40 -44.70
N PHE B 305 -10.76 11.47 -43.83
CA PHE B 305 -10.50 10.10 -44.28
C PHE B 305 -11.75 9.23 -44.32
N PHE B 306 -12.62 9.38 -43.32
CA PHE B 306 -13.79 8.53 -43.20
C PHE B 306 -15.08 9.19 -43.70
N GLY B 307 -15.03 10.49 -43.92
CA GLY B 307 -16.19 11.22 -44.41
C GLY B 307 -17.04 11.77 -43.29
N VAL B 308 -17.72 12.88 -43.56
CA VAL B 308 -18.58 13.54 -42.59
C VAL B 308 -19.75 12.64 -42.17
N ALA B 309 -20.05 11.62 -42.99
CA ALA B 309 -21.10 10.66 -42.66
C ALA B 309 -20.82 9.93 -41.35
N ASN B 310 -19.54 9.69 -41.06
CA ASN B 310 -19.15 8.99 -39.83
C ASN B 310 -18.62 9.92 -38.75
N ALA B 311 -18.74 11.24 -38.97
CA ALA B 311 -18.24 12.23 -38.03
C ALA B 311 -18.81 12.05 -36.62
N VAL B 312 -20.13 11.88 -36.55
CA VAL B 312 -20.81 11.67 -35.28
C VAL B 312 -20.34 10.40 -34.59
N ALA B 313 -20.25 9.31 -35.36
CA ALA B 313 -19.77 8.04 -34.85
C ALA B 313 -18.36 8.15 -34.29
N ILE B 314 -17.51 8.90 -35.00
CA ILE B 314 -16.13 9.12 -34.58
C ILE B 314 -16.06 9.88 -33.26
N ALA B 315 -16.84 10.94 -33.16
CA ALA B 315 -16.89 11.74 -31.94
C ALA B 315 -17.34 10.91 -30.74
N LYS B 316 -18.34 10.06 -30.96
CA LYS B 316 -18.89 9.22 -29.90
C LYS B 316 -17.95 8.09 -29.49
N ALA B 317 -17.03 7.72 -30.36
CA ALA B 317 -16.07 6.67 -30.04
C ALA B 317 -15.06 7.15 -28.99
N GLY B 318 -14.96 8.46 -28.81
CA GLY B 318 -14.16 9.04 -27.74
C GLY B 318 -12.79 9.60 -28.10
N ALA B 319 -12.22 10.34 -27.16
CA ALA B 319 -10.92 10.99 -27.34
C ALA B 319 -9.77 9.98 -27.43
N PHE B 320 -9.82 8.94 -26.61
CA PHE B 320 -8.76 7.94 -26.57
C PHE B 320 -8.66 7.11 -27.86
N ASN B 321 -9.80 6.60 -28.33
CA ASN B 321 -9.84 5.83 -29.56
C ASN B 321 -9.37 6.67 -30.76
N LEU B 322 -9.74 7.95 -30.77
CA LEU B 322 -9.35 8.87 -31.83
C LEU B 322 -7.83 9.02 -31.91
N GLY B 323 -7.19 9.16 -30.75
CA GLY B 323 -5.76 9.45 -30.72
C GLY B 323 -4.82 8.26 -30.79
N PHE B 324 -5.30 7.08 -30.38
CA PHE B 324 -4.43 5.91 -30.30
C PHE B 324 -4.81 4.81 -31.27
N ILE B 325 -6.00 4.91 -31.86
CA ILE B 325 -6.42 3.89 -32.82
C ILE B 325 -6.75 4.47 -34.19
N THR B 326 -7.69 5.40 -34.22
CA THR B 326 -8.19 5.98 -35.46
C THR B 326 -7.12 6.75 -36.24
N LEU B 327 -6.49 7.72 -35.58
CA LEU B 327 -5.44 8.49 -36.23
C LEU B 327 -4.24 7.65 -36.67
N PRO B 328 -3.74 6.74 -35.81
CA PRO B 328 -2.68 5.85 -36.32
C PRO B 328 -3.10 5.06 -37.57
N ALA B 329 -4.34 4.60 -37.61
CA ALA B 329 -4.85 3.85 -38.76
C ALA B 329 -4.86 4.71 -40.03
N ILE B 330 -5.33 5.95 -39.90
CA ILE B 330 -5.36 6.89 -41.00
C ILE B 330 -3.95 7.16 -41.53
N PHE B 331 -3.00 7.35 -40.63
CA PHE B 331 -1.61 7.62 -41.02
C PHE B 331 -1.02 6.49 -41.85
N SER B 332 -1.42 5.25 -41.57
CA SER B 332 -0.89 4.11 -42.31
C SER B 332 -1.49 4.04 -43.71
N GLN B 333 -2.42 4.93 -44.00
CA GLN B 333 -3.10 4.95 -45.29
C GLN B 333 -2.76 6.22 -46.04
N THR B 334 -1.89 7.03 -45.45
CA THR B 334 -1.51 8.30 -46.03
C THR B 334 -0.03 8.33 -46.42
N ALA B 335 0.30 9.20 -47.37
CA ALA B 335 1.66 9.33 -47.90
C ALA B 335 2.59 9.91 -46.84
N GLY B 336 3.65 9.18 -46.51
CA GLY B 336 4.56 9.60 -45.47
C GLY B 336 3.91 9.56 -44.09
N GLY B 337 2.85 8.76 -43.96
CA GLY B 337 2.08 8.70 -42.73
C GLY B 337 2.85 8.09 -41.57
N THR B 338 3.87 7.30 -41.91
CA THR B 338 4.73 6.70 -40.90
C THR B 338 5.50 7.76 -40.14
N PHE B 339 6.03 8.75 -40.84
CA PHE B 339 6.71 9.85 -40.18
C PHE B 339 5.70 10.80 -39.54
N LEU B 340 4.50 10.85 -40.13
CA LEU B 340 3.39 11.60 -39.56
C LEU B 340 2.97 11.03 -38.20
N GLY B 341 2.92 9.70 -38.11
CA GLY B 341 2.56 9.03 -36.87
C GLY B 341 3.54 9.32 -35.76
N PHE B 342 4.83 9.30 -36.12
CA PHE B 342 5.89 9.65 -35.19
C PHE B 342 5.72 11.05 -34.61
N LEU B 343 5.45 12.02 -35.48
CA LEU B 343 5.27 13.42 -35.06
C LEU B 343 4.07 13.60 -34.15
N TRP B 344 2.99 12.90 -34.48
CA TRP B 344 1.77 12.95 -33.68
C TRP B 344 2.04 12.44 -32.27
N PHE B 345 2.70 11.30 -32.17
CA PHE B 345 3.00 10.72 -30.87
C PHE B 345 4.15 11.42 -30.16
N PHE B 346 5.08 12.00 -30.92
CA PHE B 346 6.11 12.84 -30.33
C PHE B 346 5.44 14.05 -29.70
N LEU B 347 4.49 14.64 -30.43
CA LEU B 347 3.73 15.79 -29.92
C LEU B 347 3.02 15.45 -28.61
N LEU B 348 2.31 14.33 -28.61
CA LEU B 348 1.58 13.90 -27.43
C LEU B 348 2.53 13.63 -26.27
N PHE B 349 3.69 13.06 -26.58
CA PHE B 349 4.67 12.77 -25.53
C PHE B 349 5.16 14.03 -24.83
N PHE B 350 5.52 15.06 -25.59
CA PHE B 350 5.99 16.30 -24.98
C PHE B 350 4.86 17.03 -24.25
N ALA B 351 3.64 16.88 -24.77
CA ALA B 351 2.47 17.40 -24.09
C ALA B 351 2.30 16.72 -22.73
N GLY B 352 2.55 15.41 -22.69
CA GLY B 352 2.46 14.68 -21.44
C GLY B 352 3.61 15.00 -20.49
N LEU B 353 4.83 15.02 -21.02
CA LEU B 353 6.03 15.24 -20.22
C LEU B 353 6.05 16.60 -19.50
N THR B 354 5.62 17.65 -20.19
CA THR B 354 5.54 18.97 -19.56
C THR B 354 4.48 19.00 -18.46
N SER B 355 3.51 18.09 -18.53
CA SER B 355 2.46 18.04 -17.53
C SER B 355 2.86 17.19 -16.32
N SER B 356 3.57 16.10 -16.57
CA SER B 356 3.94 15.17 -15.50
C SER B 356 5.07 15.70 -14.59
N ILE B 357 6.02 16.45 -15.16
CA ILE B 357 7.05 17.06 -14.33
C ILE B 357 6.45 18.11 -13.40
N ALA B 358 5.41 18.79 -13.88
CA ALA B 358 4.68 19.74 -13.06
C ALA B 358 3.86 19.02 -12.00
N GLY B 359 3.35 17.85 -12.36
CA GLY B 359 2.46 17.10 -11.50
C GLY B 359 3.10 16.31 -10.39
N MET B 360 4.40 16.04 -10.51
CA MET B 360 5.12 15.32 -9.46
C MET B 360 5.89 16.26 -8.52
N GLN B 361 5.98 17.53 -8.91
CA GLN B 361 6.63 18.56 -8.09
C GLN B 361 5.98 18.81 -6.70
N PRO B 362 4.63 18.73 -6.59
CA PRO B 362 4.08 18.90 -5.24
C PRO B 362 4.60 17.88 -4.22
N MET B 363 4.80 16.63 -4.64
CA MET B 363 5.35 15.64 -3.71
C MET B 363 6.80 15.98 -3.38
N ILE B 364 7.53 16.45 -4.38
CA ILE B 364 8.92 16.85 -4.21
C ILE B 364 9.02 18.07 -3.29
N ALA B 365 8.16 19.06 -3.52
CA ALA B 365 8.12 20.25 -2.70
C ALA B 365 7.79 19.93 -1.23
N PHE B 366 6.84 19.03 -1.02
CA PHE B 366 6.47 18.63 0.33
C PHE B 366 7.65 18.01 1.07
N LEU B 367 8.31 17.05 0.43
CA LEU B 367 9.46 16.38 1.03
C LEU B 367 10.59 17.36 1.31
N GLU B 368 10.81 18.30 0.39
CA GLU B 368 11.82 19.35 0.57
C GLU B 368 11.44 20.35 1.66
N ASP B 369 10.25 20.93 1.56
CA ASP B 369 9.85 22.01 2.44
C ASP B 369 9.58 21.55 3.86
N GLU B 370 8.89 20.42 4.01
CA GLU B 370 8.35 20.02 5.31
C GLU B 370 9.16 18.92 6.00
N LEU B 371 9.79 18.05 5.22
CA LEU B 371 10.62 16.99 5.79
C LEU B 371 12.10 17.25 5.56
N LYS B 372 12.40 18.38 4.95
CA LYS B 372 13.77 18.86 4.78
C LYS B 372 14.68 17.89 4.03
N LEU B 373 14.12 17.14 3.10
CA LEU B 373 14.94 16.29 2.25
C LEU B 373 15.68 17.14 1.22
N SER B 374 16.83 16.66 0.78
CA SER B 374 17.52 17.28 -0.33
C SER B 374 16.69 17.06 -1.59
N ARG B 375 16.92 17.87 -2.62
CA ARG B 375 16.17 17.75 -3.86
C ARG B 375 16.41 16.39 -4.50
N LYS B 376 17.65 15.93 -4.43
CA LYS B 376 18.00 14.63 -5.00
C LYS B 376 17.18 13.52 -4.36
N HIS B 377 17.14 13.52 -3.03
CA HIS B 377 16.41 12.51 -2.28
C HIS B 377 14.90 12.62 -2.47
N ALA B 378 14.38 13.84 -2.48
CA ALA B 378 12.95 14.06 -2.66
C ALA B 378 12.48 13.60 -4.04
N VAL B 379 13.27 13.86 -5.06
CA VAL B 379 12.93 13.45 -6.42
C VAL B 379 12.98 11.93 -6.58
N LEU B 380 14.03 11.31 -6.06
CA LEU B 380 14.20 9.86 -6.20
C LEU B 380 13.13 9.08 -5.42
N TRP B 381 12.78 9.54 -4.23
CA TRP B 381 11.75 8.87 -3.44
C TRP B 381 10.38 9.06 -4.07
N THR B 382 10.12 10.23 -4.63
CA THR B 382 8.86 10.47 -5.31
C THR B 382 8.73 9.56 -6.53
N ALA B 383 9.81 9.47 -7.30
CA ALA B 383 9.85 8.58 -8.45
C ALA B 383 9.68 7.13 -8.02
N ALA B 384 10.27 6.79 -6.88
CA ALA B 384 10.20 5.44 -6.34
C ALA B 384 8.76 5.04 -6.02
N ILE B 385 8.05 5.93 -5.34
CA ILE B 385 6.66 5.68 -4.98
C ILE B 385 5.76 5.61 -6.22
N VAL B 386 5.95 6.53 -7.16
CA VAL B 386 5.14 6.53 -8.37
C VAL B 386 5.42 5.29 -9.21
N PHE B 387 6.69 4.97 -9.39
CA PHE B 387 7.07 3.79 -10.18
C PHE B 387 6.48 2.50 -9.59
N PHE B 388 6.64 2.32 -8.29
CA PHE B 388 6.11 1.14 -7.61
C PHE B 388 4.59 1.04 -7.73
N SER B 389 3.91 2.14 -7.38
CA SER B 389 2.45 2.16 -7.38
C SER B 389 1.87 1.94 -8.77
N ALA B 390 2.59 2.36 -9.80
CA ALA B 390 2.10 2.26 -11.17
C ALA B 390 1.90 0.82 -11.63
N HIS B 391 2.57 -0.12 -10.98
CA HIS B 391 2.42 -1.54 -11.31
C HIS B 391 0.98 -2.03 -11.13
N LEU B 392 0.23 -1.36 -10.26
CA LEU B 392 -1.19 -1.67 -10.12
C LEU B 392 -1.93 -1.27 -11.40
N VAL B 393 -1.59 -0.10 -11.93
CA VAL B 393 -2.19 0.40 -13.16
C VAL B 393 -1.76 -0.42 -14.37
N MET B 394 -0.52 -0.93 -14.35
CA MET B 394 -0.02 -1.69 -15.48
C MET B 394 -0.56 -3.12 -15.56
N PHE B 395 -0.93 -3.72 -14.43
CA PHE B 395 -1.30 -5.14 -14.43
C PHE B 395 -2.77 -5.43 -14.09
N LEU B 396 -3.47 -4.46 -13.52
CA LEU B 396 -4.86 -4.69 -13.10
C LEU B 396 -5.82 -3.90 -13.98
N ASN B 397 -6.66 -4.61 -14.71
CA ASN B 397 -7.57 -3.97 -15.65
C ASN B 397 -8.55 -3.04 -14.93
N LYS B 398 -8.74 -1.85 -15.50
CA LYS B 398 -9.66 -0.82 -15.01
C LYS B 398 -9.20 -0.12 -13.72
N SER B 399 -8.01 -0.46 -13.24
CA SER B 399 -7.41 0.23 -12.11
C SER B 399 -7.16 1.69 -12.44
N LEU B 400 -6.68 1.93 -13.66
CA LEU B 400 -6.48 3.26 -14.19
C LEU B 400 -7.76 4.11 -14.11
N ASP B 401 -8.87 3.53 -14.54
CA ASP B 401 -10.15 4.22 -14.60
C ASP B 401 -10.65 4.59 -13.22
N GLU B 402 -10.43 3.70 -12.27
CA GLU B 402 -10.87 3.90 -10.90
C GLU B 402 -10.09 5.04 -10.26
N MET B 403 -8.78 5.07 -10.47
CA MET B 403 -7.95 6.16 -9.96
C MET B 403 -8.31 7.50 -10.60
N ASP B 404 -8.56 7.48 -11.90
CA ASP B 404 -8.92 8.69 -12.63
C ASP B 404 -10.25 9.27 -12.16
N PHE B 405 -11.15 8.41 -11.70
CA PHE B 405 -12.47 8.87 -11.25
C PHE B 405 -12.38 9.61 -9.92
N TRP B 406 -11.82 8.95 -8.91
CA TRP B 406 -11.76 9.52 -7.56
C TRP B 406 -10.82 10.72 -7.44
N ALA B 407 -9.61 10.61 -7.97
CA ALA B 407 -8.64 11.68 -7.84
C ALA B 407 -8.76 12.69 -8.97
N GLY B 408 -8.78 12.18 -10.19
CA GLY B 408 -8.72 13.01 -11.37
C GLY B 408 -10.02 13.67 -11.76
N THR B 409 -11.12 13.25 -11.15
CA THR B 409 -12.41 13.82 -11.53
C THR B 409 -13.16 14.41 -10.34
N ILE B 410 -13.68 13.55 -9.48
CA ILE B 410 -14.42 13.97 -8.28
C ILE B 410 -13.56 14.79 -7.33
N GLY B 411 -12.38 14.28 -7.01
CA GLY B 411 -11.48 14.93 -6.09
C GLY B 411 -11.16 16.39 -6.36
N VAL B 412 -10.72 16.67 -7.59
CA VAL B 412 -10.28 18.03 -7.95
C VAL B 412 -11.37 19.08 -7.92
N VAL B 413 -12.60 18.73 -8.30
CA VAL B 413 -13.68 19.69 -8.27
C VAL B 413 -14.00 20.02 -6.82
N PHE B 414 -13.98 19.00 -5.97
CA PHE B 414 -14.11 19.18 -4.53
C PHE B 414 -12.98 20.03 -3.98
N PHE B 415 -11.76 19.74 -4.42
CA PHE B 415 -10.60 20.46 -3.94
C PHE B 415 -10.60 21.90 -4.46
N GLY B 416 -11.13 22.07 -5.67
CA GLY B 416 -11.28 23.40 -6.24
C GLY B 416 -12.16 24.29 -5.40
N LEU B 417 -13.30 23.75 -4.98
CA LEU B 417 -14.23 24.46 -4.11
C LEU B 417 -13.62 24.77 -2.76
N THR B 418 -12.85 23.83 -2.24
CA THR B 418 -12.20 23.97 -0.94
C THR B 418 -11.21 25.14 -0.95
N GLU B 419 -10.49 25.28 -2.05
CA GLU B 419 -9.53 26.37 -2.21
C GLU B 419 -10.23 27.73 -2.15
N LEU B 420 -11.32 27.86 -2.90
CA LEU B 420 -12.13 29.06 -2.90
C LEU B 420 -12.57 29.46 -1.49
N ILE B 421 -13.18 28.52 -0.78
CA ILE B 421 -13.75 28.78 0.54
C ILE B 421 -12.69 29.15 1.57
N ILE B 422 -11.61 28.38 1.62
CA ILE B 422 -10.53 28.64 2.57
C ILE B 422 -9.86 29.99 2.30
N PHE B 423 -9.66 30.32 1.03
CA PHE B 423 -8.99 31.57 0.67
C PHE B 423 -9.89 32.79 0.74
N PHE B 424 -11.00 32.78 0.00
CA PHE B 424 -11.86 33.96 -0.09
C PHE B 424 -12.88 34.13 1.04
N TRP B 425 -13.25 33.04 1.72
CA TRP B 425 -14.26 33.13 2.78
C TRP B 425 -13.66 33.01 4.18
N ILE B 426 -12.79 32.02 4.37
CA ILE B 426 -12.20 31.81 5.69
C ILE B 426 -11.05 32.76 5.93
N PHE B 427 -10.08 32.78 5.01
CA PHE B 427 -8.93 33.67 5.13
C PHE B 427 -9.35 35.13 5.07
N GLY B 428 -10.34 35.43 4.25
CA GLY B 428 -10.87 36.77 4.13
C GLY B 428 -10.77 37.27 2.70
N ALA B 429 -11.92 37.61 2.12
CA ALA B 429 -11.99 38.05 0.72
C ALA B 429 -11.12 39.27 0.46
N ASP B 430 -11.09 40.19 1.43
CA ASP B 430 -10.32 41.42 1.29
C ASP B 430 -8.83 41.14 1.36
N LYS B 431 -8.43 40.29 2.29
CA LYS B 431 -7.04 39.88 2.38
C LYS B 431 -6.64 39.09 1.14
N ALA B 432 -7.57 38.26 0.66
CA ALA B 432 -7.36 37.48 -0.56
C ALA B 432 -7.23 38.39 -1.79
N TRP B 433 -8.11 39.37 -1.89
CA TRP B 433 -8.11 40.30 -3.03
C TRP B 433 -6.80 41.07 -3.14
N GLU B 434 -6.29 41.53 -2.01
CA GLU B 434 -5.03 42.26 -1.99
C GLU B 434 -3.86 41.33 -2.32
N GLU B 435 -3.99 40.06 -1.92
CA GLU B 435 -2.96 39.09 -2.21
C GLU B 435 -2.83 38.82 -3.71
N ILE B 436 -3.95 38.84 -4.41
CA ILE B 436 -3.94 38.55 -5.84
C ILE B 436 -3.34 39.70 -6.65
N ASN B 437 -3.75 40.92 -6.33
CA ASN B 437 -3.39 42.09 -7.13
C ASN B 437 -2.01 42.65 -6.80
N ARG B 438 -1.47 42.29 -5.64
CA ARG B 438 -0.16 42.77 -5.23
C ARG B 438 0.92 42.46 -6.25
N GLY B 439 1.63 43.51 -6.69
CA GLY B 439 2.71 43.37 -7.64
C GLY B 439 2.22 43.18 -9.05
N GLY B 440 0.90 43.29 -9.25
CA GLY B 440 0.29 43.07 -10.54
C GLY B 440 0.64 44.12 -11.58
N ILE B 441 1.09 43.65 -12.75
CA ILE B 441 1.36 44.51 -13.88
C ILE B 441 0.04 45.13 -14.34
N ILE B 442 -1.00 44.31 -14.33
CA ILE B 442 -2.36 44.80 -14.50
C ILE B 442 -3.14 44.44 -13.24
N LYS B 443 -4.24 45.14 -12.99
CA LYS B 443 -5.06 44.85 -11.83
C LYS B 443 -6.31 44.07 -12.24
N VAL B 444 -6.73 43.15 -11.39
CA VAL B 444 -7.92 42.37 -11.65
C VAL B 444 -9.16 43.28 -11.66
N PRO B 445 -9.99 43.19 -12.71
CA PRO B 445 -11.24 43.96 -12.79
C PRO B 445 -12.07 43.80 -11.52
N ARG B 446 -12.58 44.92 -11.00
CA ARG B 446 -13.30 44.92 -9.72
C ARG B 446 -14.51 43.99 -9.71
N ILE B 447 -15.09 43.74 -10.87
CA ILE B 447 -16.25 42.86 -10.97
C ILE B 447 -15.92 41.44 -10.51
N TYR B 448 -14.66 41.04 -10.65
CA TYR B 448 -14.24 39.68 -10.30
C TYR B 448 -14.27 39.43 -8.79
N TYR B 449 -14.35 40.49 -8.01
CA TYR B 449 -14.43 40.37 -6.55
C TYR B 449 -15.70 39.64 -6.14
N TYR B 450 -16.78 39.87 -6.90
CA TYR B 450 -18.05 39.21 -6.64
C TYR B 450 -18.12 37.83 -7.29
N VAL B 451 -17.53 37.72 -8.47
CA VAL B 451 -17.46 36.46 -9.19
C VAL B 451 -16.74 35.39 -8.36
N MET B 452 -15.56 35.76 -7.84
CA MET B 452 -14.77 34.84 -7.03
C MET B 452 -15.47 34.45 -5.74
N ARG B 453 -16.25 35.37 -5.19
CA ARG B 453 -16.86 35.16 -3.88
C ARG B 453 -18.19 34.40 -3.95
N TYR B 454 -18.96 34.62 -5.01
CA TYR B 454 -20.29 34.03 -5.10
C TYR B 454 -20.48 33.16 -6.33
N ILE B 455 -20.15 33.69 -7.51
CA ILE B 455 -20.41 33.00 -8.75
C ILE B 455 -19.58 31.72 -8.90
N THR B 456 -18.26 31.87 -8.79
CA THR B 456 -17.34 30.75 -8.93
C THR B 456 -17.62 29.58 -7.98
N PRO B 457 -17.81 29.85 -6.67
CA PRO B 457 -18.10 28.68 -5.81
C PRO B 457 -19.46 28.05 -6.13
N ALA B 458 -20.43 28.86 -6.52
CA ALA B 458 -21.75 28.36 -6.90
C ALA B 458 -21.65 27.38 -8.06
N PHE B 459 -20.95 27.79 -9.12
CA PHE B 459 -20.74 26.93 -10.28
C PHE B 459 -20.09 25.60 -9.92
N LEU B 460 -19.02 25.67 -9.14
CA LEU B 460 -18.30 24.47 -8.73
C LEU B 460 -19.17 23.56 -7.86
N ALA B 461 -19.99 24.17 -7.02
CA ALA B 461 -20.89 23.41 -6.17
C ALA B 461 -21.93 22.66 -7.00
N VAL B 462 -22.41 23.32 -8.06
CA VAL B 462 -23.38 22.71 -8.97
C VAL B 462 -22.77 21.54 -9.72
N LEU B 463 -21.56 21.76 -10.24
CA LEU B 463 -20.83 20.73 -10.97
C LEU B 463 -20.60 19.47 -10.15
N LEU B 464 -20.16 19.65 -8.90
CA LEU B 464 -19.83 18.53 -8.03
C LEU B 464 -21.05 17.66 -7.72
N VAL B 465 -22.16 18.32 -7.38
CA VAL B 465 -23.39 17.60 -7.02
C VAL B 465 -23.94 16.79 -8.19
N VAL B 466 -23.99 17.42 -9.35
CA VAL B 466 -24.47 16.77 -10.57
C VAL B 466 -23.64 15.51 -10.88
N TRP B 467 -22.32 15.64 -10.82
CA TRP B 467 -21.45 14.51 -11.09
C TRP B 467 -21.49 13.45 -10.00
N ALA B 468 -21.62 13.90 -8.74
CA ALA B 468 -21.76 12.98 -7.63
C ALA B 468 -23.05 12.16 -7.78
N ARG B 469 -24.13 12.85 -8.11
CA ARG B 469 -25.43 12.22 -8.32
C ARG B 469 -25.43 11.30 -9.54
N GLU B 470 -24.76 11.72 -10.59
CA GLU B 470 -24.73 10.96 -11.84
C GLU B 470 -23.80 9.74 -11.82
N TYR B 471 -22.54 9.95 -11.42
CA TYR B 471 -21.51 8.94 -11.62
C TYR B 471 -21.19 8.04 -10.42
N ILE B 472 -21.24 8.59 -9.21
CA ILE B 472 -20.88 7.83 -8.01
C ILE B 472 -21.76 6.59 -7.77
N PRO B 473 -23.09 6.69 -7.95
CA PRO B 473 -23.87 5.44 -7.82
C PRO B 473 -23.47 4.35 -8.82
N LYS B 474 -23.13 4.76 -10.05
CA LYS B 474 -22.71 3.83 -11.09
C LYS B 474 -21.41 3.10 -10.73
N ILE B 475 -20.40 3.86 -10.32
CA ILE B 475 -19.10 3.32 -9.98
C ILE B 475 -19.19 2.37 -8.77
N MET B 476 -20.05 2.70 -7.82
CA MET B 476 -20.19 1.91 -6.60
C MET B 476 -20.97 0.60 -6.77
N GLU B 477 -21.91 0.58 -7.70
CA GLU B 477 -22.85 -0.54 -7.80
C GLU B 477 -22.65 -1.45 -9.01
N GLU B 478 -22.11 -0.91 -10.10
CA GLU B 478 -22.05 -1.66 -11.35
C GLU B 478 -20.65 -2.13 -11.71
N THR B 479 -19.67 -1.79 -10.88
CA THR B 479 -18.28 -2.18 -11.12
C THR B 479 -17.90 -3.54 -10.51
N HIS B 480 -16.85 -4.13 -11.06
CA HIS B 480 -16.31 -5.43 -10.62
C HIS B 480 -15.68 -5.34 -9.22
N TRP B 481 -15.55 -6.47 -8.52
CA TRP B 481 -15.00 -6.47 -7.16
C TRP B 481 -13.54 -6.02 -7.10
N THR B 482 -12.83 -6.13 -8.22
CA THR B 482 -11.43 -5.72 -8.28
C THR B 482 -11.28 -4.20 -8.11
N VAL B 483 -12.38 -3.45 -8.18
CA VAL B 483 -12.29 -2.02 -7.94
C VAL B 483 -11.92 -1.73 -6.49
N TRP B 484 -12.27 -2.63 -5.59
CA TRP B 484 -11.93 -2.44 -4.18
C TRP B 484 -10.42 -2.55 -3.96
N ILE B 485 -9.73 -3.30 -4.81
CA ILE B 485 -8.28 -3.39 -4.72
C ILE B 485 -7.65 -2.01 -4.89
N THR B 486 -8.12 -1.29 -5.91
CA THR B 486 -7.59 0.04 -6.22
C THR B 486 -8.01 1.05 -5.16
N ARG B 487 -9.26 1.00 -4.76
CA ARG B 487 -9.77 1.89 -3.72
C ARG B 487 -9.02 1.71 -2.41
N PHE B 488 -8.78 0.45 -2.05
CA PHE B 488 -8.00 0.11 -0.87
C PHE B 488 -6.62 0.76 -0.91
N TYR B 489 -5.95 0.62 -2.05
CA TYR B 489 -4.58 1.13 -2.19
C TYR B 489 -4.51 2.66 -2.10
N ILE B 490 -5.42 3.35 -2.77
CA ILE B 490 -5.35 4.81 -2.78
C ILE B 490 -5.85 5.40 -1.46
N ILE B 491 -6.72 4.67 -0.76
CA ILE B 491 -7.08 5.09 0.59
C ILE B 491 -5.85 4.94 1.48
N GLY B 492 -5.10 3.86 1.28
CA GLY B 492 -3.84 3.66 1.99
C GLY B 492 -2.85 4.78 1.75
N LEU B 493 -2.74 5.20 0.50
CA LEU B 493 -1.86 6.31 0.14
C LEU B 493 -2.26 7.59 0.87
N PHE B 494 -3.56 7.81 1.02
CA PHE B 494 -4.03 8.97 1.76
C PHE B 494 -3.61 8.88 3.23
N LEU B 495 -3.68 7.68 3.80
CA LEU B 495 -3.27 7.46 5.19
C LEU B 495 -1.78 7.68 5.38
N PHE B 496 -0.99 7.16 4.44
CA PHE B 496 0.46 7.33 4.46
C PHE B 496 0.87 8.80 4.40
N LEU B 497 0.19 9.56 3.56
CA LEU B 497 0.47 10.98 3.41
C LEU B 497 0.06 11.74 4.66
N THR B 498 -1.07 11.35 5.24
CA THR B 498 -1.51 11.93 6.50
C THR B 498 -0.44 11.70 7.57
N PHE B 499 0.16 10.52 7.56
CA PHE B 499 1.23 10.19 8.48
C PHE B 499 2.46 11.07 8.26
N LEU B 500 2.83 11.31 7.01
CA LEU B 500 3.96 12.18 6.70
C LEU B 500 3.73 13.62 7.16
N VAL B 501 2.51 14.11 6.98
CA VAL B 501 2.15 15.43 7.45
C VAL B 501 2.24 15.48 8.98
N PHE B 502 1.82 14.39 9.62
CA PHE B 502 1.93 14.26 11.07
C PHE B 502 3.39 14.33 11.51
N LEU B 503 4.28 13.66 10.76
CA LEU B 503 5.71 13.70 11.06
C LEU B 503 6.32 15.07 10.84
N ALA B 504 5.79 15.80 9.86
CA ALA B 504 6.28 17.15 9.55
C ALA B 504 6.00 18.14 10.69
N GLU B 505 4.79 18.09 11.26
CA GLU B 505 4.44 19.01 12.33
C GLU B 505 5.16 18.64 13.63
N ARG B 506 5.46 17.35 13.79
CA ARG B 506 6.19 16.89 14.97
C ARG B 506 7.66 17.31 14.90
N ARG B 507 8.24 17.23 13.71
CA ARG B 507 9.63 17.65 13.50
C ARG B 507 9.78 19.13 13.78
N ARG B 508 8.78 19.90 13.34
CA ARG B 508 8.79 21.35 13.51
C ARG B 508 8.70 21.74 14.98
N ASN B 509 7.93 20.98 15.76
CA ASN B 509 7.81 21.20 17.19
C ASN B 509 9.11 20.98 17.94
N HIS B 510 9.92 20.04 17.44
CA HIS B 510 11.23 19.77 18.02
C HIS B 510 12.21 20.90 17.74
N GLU B 511 12.32 21.28 16.47
CA GLU B 511 13.23 22.36 16.07
C GLU B 511 12.59 23.72 16.31
NA NA C . 1.22 -15.77 23.86
NA NA D . 5.75 -21.69 21.47
C 29E E . 6.35 -18.34 19.54
N 29E E . 5.21 -17.47 19.65
C1 29E E . 5.20 -16.23 18.90
C2 29E E . 4.29 -16.41 17.70
C3 29E E . 4.50 -15.35 16.64
C14 29E E . 3.78 -15.88 15.47
S 29E E . 4.44 -17.01 14.34
C17 29E E . 2.98 -17.08 13.41
C16 29E E . 2.06 -16.23 14.02
C15 29E E . 2.46 -15.56 15.18
O 29E E . 3.89 -14.14 17.08
C4 29E E . 4.24 -12.95 16.50
C13 29E E . 3.25 -11.87 16.34
C12 29E E . 1.94 -12.00 16.76
C11 29E E . 1.07 -10.93 16.58
C10 29E E . 1.47 -9.74 16.00
C9 29E E . 2.78 -9.57 15.55
C8 29E E . 3.69 -10.60 15.71
C7 29E E . 5.01 -10.48 15.30
C6 29E E . 5.91 -11.54 15.46
C5 29E E . 5.54 -12.74 16.05
C1 BOG F . -0.17 -16.26 -12.00
O1 BOG F . -0.08 -15.17 -12.90
C2 BOG F . 0.25 -17.53 -12.77
O2 BOG F . -0.60 -17.84 -13.85
C3 BOG F . 0.21 -18.66 -11.77
O3 BOG F . 0.59 -19.85 -12.41
C4 BOG F . 1.14 -18.34 -10.64
O4 BOG F . 0.94 -19.33 -9.66
C5 BOG F . 0.64 -17.04 -10.04
O5 BOG F . 0.81 -16.01 -10.99
C6 BOG F . 1.32 -16.69 -8.74
O6 BOG F . 2.71 -16.55 -8.97
C1' BOG F . -0.11 -13.88 -12.31
C2' BOG F . -0.15 -12.92 -13.49
C3' BOG F . 0.03 -11.53 -12.94
C4' BOG F . -1.31 -11.08 -12.40
C5' BOG F . -1.06 -10.13 -11.25
C6' BOG F . -1.85 -8.89 -11.56
C7' BOG F . -2.52 -8.40 -10.31
C8' BOG F . -2.58 -6.90 -10.41
C1 BOG G . -18.39 -5.99 7.44
O1 BOG G . -17.57 -5.21 6.64
C2 BOG G . -19.80 -5.95 6.86
O2 BOG G . -20.52 -5.19 7.81
C3 BOG G . -20.54 -7.25 6.93
O3 BOG G . -21.53 -7.43 5.95
C4 BOG G . -19.64 -8.43 7.03
O4 BOG G . -19.39 -8.40 8.43
C5 BOG G . -18.24 -8.13 6.60
O5 BOG G . -17.68 -7.19 7.44
C6 BOG G . -18.00 -7.93 5.14
O6 BOG G . -17.48 -9.15 4.61
C1' BOG G . -17.51 -3.89 7.09
C2' BOG G . -17.00 -3.14 5.89
C3' BOG G . -15.66 -2.60 6.27
C4' BOG G . -15.13 -1.92 5.04
C5' BOG G . -15.76 -0.54 5.01
C6' BOG G . -15.89 -0.08 3.57
C7' BOG G . -15.93 1.43 3.52
C8' BOG G . -15.09 1.89 2.34
C1 BOG H . 4.85 -13.66 -14.19
O1 BOG H . 4.92 -12.28 -14.06
C2 BOG H . 4.25 -14.30 -13.00
O2 BOG H . 5.28 -14.70 -12.18
C3 BOG H . 3.36 -15.51 -13.33
O3 BOG H . 2.18 -14.90 -13.67
C4 BOG H . 3.57 -16.20 -14.66
O4 BOG H . 3.96 -17.53 -14.44
C5 BOG H . 4.49 -15.42 -15.48
O5 BOG H . 4.13 -14.08 -15.31
C6 BOG H . 4.35 -15.99 -16.84
O6 BOG H . 4.61 -17.37 -16.74
C1' BOG H . 4.45 -11.78 -12.82
C2' BOG H . 4.11 -10.28 -12.93
C3' BOG H . 3.89 -9.66 -11.56
C4' BOG H . 2.70 -8.72 -11.59
C5' BOG H . 2.91 -7.48 -10.73
C6' BOG H . 1.74 -7.28 -9.79
C7' BOG H . 1.33 -5.83 -9.70
C8' BOG H . 0.39 -5.65 -8.53
NA NA I . 1.79 19.37 -20.81
NA NA J . -5.45 21.92 -21.35
C 29E K . -4.27 20.49 -17.63
N 29E K . -3.41 19.33 -17.65
C1 29E K . -2.95 18.76 -16.39
C2 29E K . -4.05 17.89 -15.77
C3 29E K . -3.44 16.76 -14.96
C14 29E K . -4.17 15.51 -15.32
S 29E K . -5.32 14.73 -14.30
C17 29E K . -5.67 13.48 -15.44
C16 29E K . -4.87 13.73 -16.56
C15 29E K . -4.04 14.86 -16.52
O 29E K . -2.03 16.71 -15.25
C4 29E K . -1.12 15.80 -14.78
C13 29E K . -0.84 15.63 -13.34
C12 29E K . -1.51 16.36 -12.38
C11 29E K . -1.21 16.13 -11.05
C10 29E K . -0.24 15.18 -10.72
C9 29E K . 0.46 14.41 -11.62
C8 29E K . 0.19 14.62 -12.94
C7 29E K . 0.86 13.88 -13.89
C6 29E K . 0.57 14.11 -15.21
C5 29E K . -0.39 15.03 -15.66
#